data_6ZOP
#
_entry.id   6ZOP
#
loop_
_entity.id
_entity.type
_entity.pdbx_description
1 polymer 'DDE_Tnp_1_7 domain-containing protein'
2 non-polymer 'ZINC ION'
#
_entity_poly.entity_id   1
_entity_poly.type   'polypeptide(L)'
_entity_poly.pdbx_seq_one_letter_code
;GPLGSPEFSYFAKIQPHTFIEGEEIVKCSECGNETKVFCQECTILKAEVVGLCHEKDTIKCQRFHEFMDFELDKNKEVID
KRKG
;
_entity_poly.pdbx_strand_id   A
#
# COMPACT_ATOMS: atom_id res chain seq x y z
N GLY A 1 -16.59 -21.46 -9.41
CA GLY A 1 -16.47 -22.27 -8.21
C GLY A 1 -15.88 -21.50 -7.05
N PRO A 2 -15.81 -22.14 -5.87
CA PRO A 2 -15.26 -21.53 -4.67
C PRO A 2 -13.75 -21.31 -4.75
N LEU A 3 -13.29 -20.16 -4.28
CA LEU A 3 -11.87 -19.84 -4.30
C LEU A 3 -11.18 -20.30 -3.02
N GLY A 4 -10.57 -21.48 -3.08
CA GLY A 4 -9.88 -22.01 -1.92
C GLY A 4 -8.49 -22.54 -2.25
N SER A 5 -8.39 -23.83 -2.48
CA SER A 5 -7.11 -24.46 -2.80
C SER A 5 -7.24 -25.34 -4.04
N PRO A 6 -7.43 -24.70 -5.21
CA PRO A 6 -7.56 -25.41 -6.48
C PRO A 6 -6.26 -26.04 -6.94
N GLU A 7 -6.32 -26.79 -8.04
CA GLU A 7 -5.13 -27.45 -8.58
C GLU A 7 -4.64 -26.76 -9.85
N PHE A 8 -4.81 -25.44 -9.88
CA PHE A 8 -4.38 -24.66 -11.05
C PHE A 8 -3.10 -23.88 -10.74
N SER A 9 -2.02 -24.61 -10.49
CA SER A 9 -0.74 -24.00 -10.18
C SER A 9 -0.10 -23.38 -11.43
N TYR A 10 1.07 -22.79 -11.26
CA TYR A 10 1.77 -22.17 -12.37
C TYR A 10 0.88 -21.16 -13.10
N PHE A 11 0.26 -20.27 -12.34
CA PHE A 11 -0.63 -19.26 -12.91
C PHE A 11 -0.34 -17.89 -12.31
N ALA A 12 -0.43 -16.86 -13.15
CA ALA A 12 -0.18 -15.49 -12.71
C ALA A 12 -1.26 -14.55 -13.22
N LYS A 13 -1.51 -13.47 -12.47
CA LYS A 13 -2.51 -12.49 -12.84
C LYS A 13 -1.95 -11.07 -12.75
N ILE A 14 -2.56 -10.16 -13.49
CA ILE A 14 -2.11 -8.77 -13.49
C ILE A 14 -3.13 -7.87 -12.79
N GLN A 15 -2.64 -6.95 -11.96
CA GLN A 15 -3.51 -6.03 -11.24
C GLN A 15 -3.32 -4.60 -11.73
N PRO A 16 -4.31 -3.74 -11.44
CA PRO A 16 -4.28 -2.33 -11.85
C PRO A 16 -3.23 -1.53 -11.07
N HIS A 17 -3.18 -1.74 -9.76
CA HIS A 17 -2.22 -1.04 -8.93
C HIS A 17 -0.83 -1.65 -9.11
N THR A 18 0.17 -0.79 -9.03
CA THR A 18 1.56 -1.22 -9.18
C THR A 18 2.30 -1.15 -7.85
N PHE A 19 2.68 -2.31 -7.31
CA PHE A 19 3.39 -2.37 -6.05
C PHE A 19 4.88 -2.58 -6.28
N ILE A 20 5.70 -1.71 -5.70
CA ILE A 20 7.15 -1.80 -5.85
C ILE A 20 7.84 -1.74 -4.48
N GLU A 21 9.03 -2.32 -4.41
CA GLU A 21 9.79 -2.34 -3.17
C GLU A 21 10.65 -1.08 -3.03
N GLY A 22 10.33 -0.26 -2.03
CA GLY A 22 11.07 0.97 -1.83
C GLY A 22 12.40 0.73 -1.11
N GLU A 23 12.75 1.65 -0.22
CA GLU A 23 14.00 1.54 0.53
C GLU A 23 13.75 1.68 2.03
N GLU A 24 13.10 2.77 2.41
CA GLU A 24 12.81 3.02 3.81
C GLU A 24 12.09 1.84 4.44
N ILE A 25 12.73 1.22 5.43
CA ILE A 25 12.15 0.07 6.10
C ILE A 25 11.02 0.50 7.04
N VAL A 26 9.78 0.18 6.65
CA VAL A 26 8.62 0.53 7.46
C VAL A 26 8.07 -0.69 8.19
N LYS A 27 7.45 -0.45 9.34
CA LYS A 27 6.88 -1.53 10.13
C LYS A 27 5.35 -1.46 10.13
N CYS A 28 4.72 -2.45 9.52
CA CYS A 28 3.26 -2.48 9.45
C CYS A 28 2.65 -2.38 10.84
N SER A 29 1.44 -1.84 10.91
CA SER A 29 0.74 -1.68 12.17
C SER A 29 0.12 -2.99 12.63
N GLU A 30 -0.22 -3.84 11.67
CA GLU A 30 -0.83 -5.13 11.97
C GLU A 30 0.22 -6.25 11.96
N CYS A 31 0.99 -6.32 10.88
CA CYS A 31 2.04 -7.32 10.75
C CYS A 31 3.21 -7.03 11.70
N GLY A 32 3.52 -5.74 11.84
CA GLY A 32 4.61 -5.34 12.71
C GLY A 32 5.92 -6.03 12.35
N ASN A 33 6.25 -6.03 11.07
CA ASN A 33 7.48 -6.65 10.60
C ASN A 33 8.25 -5.71 9.67
N GLU A 34 9.53 -6.00 9.49
CA GLU A 34 10.38 -5.17 8.63
C GLU A 34 10.02 -5.37 7.16
N THR A 35 9.52 -4.30 6.53
CA THR A 35 9.13 -4.36 5.12
C THR A 35 9.18 -2.98 4.49
N LYS A 36 9.47 -2.94 3.19
CA LYS A 36 9.55 -1.68 2.46
C LYS A 36 8.83 -1.79 1.12
N VAL A 37 7.53 -1.52 1.12
CA VAL A 37 6.73 -1.58 -0.09
C VAL A 37 5.97 -0.28 -0.32
N PHE A 38 5.84 0.12 -1.58
CA PHE A 38 5.14 1.34 -1.93
C PHE A 38 4.44 1.20 -3.28
N CYS A 39 3.17 1.60 -3.32
CA CYS A 39 2.39 1.53 -4.56
C CYS A 39 2.63 2.75 -5.44
N GLN A 40 3.21 2.51 -6.61
CA GLN A 40 3.50 3.59 -7.55
C GLN A 40 2.21 4.24 -8.05
N GLU A 41 1.20 3.41 -8.32
CA GLU A 41 -0.08 3.90 -8.80
C GLU A 41 -0.71 4.88 -7.81
N CYS A 42 -0.50 4.62 -6.52
CA CYS A 42 -1.04 5.47 -5.48
C CYS A 42 -0.10 6.65 -5.19
N THR A 43 1.20 6.37 -5.17
CA THR A 43 2.19 7.40 -4.90
C THR A 43 1.99 8.59 -5.83
N ILE A 44 1.53 8.34 -7.04
CA ILE A 44 1.29 9.40 -8.02
C ILE A 44 0.04 10.18 -7.68
N LEU A 45 -1.11 9.51 -7.72
CA LEU A 45 -2.38 10.15 -7.42
C LEU A 45 -2.32 10.88 -6.09
N LYS A 46 -1.89 10.16 -5.05
CA LYS A 46 -1.78 10.74 -3.71
C LYS A 46 -0.61 11.73 -3.64
N ALA A 47 0.38 11.52 -4.48
CA ALA A 47 1.56 12.38 -4.52
C ALA A 47 2.37 12.26 -3.23
N GLU A 48 2.45 11.05 -2.70
CA GLU A 48 3.19 10.80 -1.47
C GLU A 48 3.62 9.34 -1.37
N VAL A 49 4.76 9.10 -0.74
CA VAL A 49 5.28 7.75 -0.58
C VAL A 49 4.44 6.96 0.41
N VAL A 50 3.71 5.96 -0.10
CA VAL A 50 2.87 5.12 0.74
C VAL A 50 3.61 3.86 1.19
N GLY A 51 3.32 3.42 2.41
CA GLY A 51 3.97 2.23 2.93
C GLY A 51 3.04 1.02 2.95
N LEU A 52 3.57 -0.12 2.52
CA LEU A 52 2.78 -1.35 2.49
C LEU A 52 3.62 -2.54 2.95
N CYS A 53 2.96 -3.67 3.16
CA CYS A 53 3.63 -4.88 3.60
C CYS A 53 3.51 -5.99 2.56
N HIS A 54 4.57 -6.79 2.41
CA HIS A 54 4.57 -7.88 1.44
C HIS A 54 3.39 -8.82 1.69
N GLU A 55 2.96 -8.91 2.94
CA GLU A 55 1.84 -9.78 3.30
C GLU A 55 0.56 -9.30 2.62
N LYS A 56 0.58 -8.08 2.10
CA LYS A 56 -0.59 -7.52 1.43
C LYS A 56 -1.20 -8.53 0.46
N ASP A 57 -0.35 -9.36 -0.14
CA ASP A 57 -0.82 -10.38 -1.08
C ASP A 57 -2.00 -11.15 -0.50
N THR A 58 -1.87 -11.57 0.75
CA THR A 58 -2.92 -12.33 1.42
C THR A 58 -3.03 -11.94 2.89
N ILE A 59 -3.70 -10.80 3.14
CA ILE A 59 -3.88 -10.32 4.50
C ILE A 59 -4.89 -9.18 4.55
N LYS A 60 -5.46 -8.94 5.72
CA LYS A 60 -6.45 -7.88 5.90
C LYS A 60 -5.88 -6.54 5.43
N CYS A 61 -4.58 -6.35 5.64
CA CYS A 61 -3.92 -5.11 5.24
C CYS A 61 -4.26 -4.75 3.79
N GLN A 62 -4.46 -5.77 2.96
CA GLN A 62 -4.79 -5.55 1.57
C GLN A 62 -5.97 -4.59 1.42
N ARG A 63 -6.88 -4.64 2.39
CA ARG A 63 -8.05 -3.77 2.37
C ARG A 63 -7.66 -2.31 2.59
N PHE A 64 -6.76 -2.08 3.53
CA PHE A 64 -6.30 -0.74 3.84
C PHE A 64 -5.83 -0.02 2.58
N HIS A 65 -5.22 -0.77 1.66
CA HIS A 65 -4.75 -0.21 0.40
C HIS A 65 -5.90 0.31 -0.44
N GLU A 66 -7.02 -0.40 -0.41
CA GLU A 66 -8.21 -0.01 -1.16
C GLU A 66 -8.94 1.14 -0.49
N PHE A 67 -9.09 1.05 0.83
CA PHE A 67 -9.78 2.08 1.59
C PHE A 67 -8.78 3.07 2.18
N MET A 68 -7.74 3.39 1.41
CA MET A 68 -6.71 4.32 1.86
C MET A 68 -7.32 5.69 2.15
N ASP A 69 -8.30 6.08 1.35
CA ASP A 69 -8.97 7.37 1.54
C ASP A 69 -9.43 7.55 2.97
N PHE A 70 -9.92 6.47 3.57
CA PHE A 70 -10.42 6.50 4.94
C PHE A 70 -9.25 6.62 5.92
N GLU A 71 -8.89 7.85 6.25
CA GLU A 71 -7.79 8.10 7.18
C GLU A 71 -8.13 9.26 8.11
N LEU A 72 -7.56 9.22 9.32
CA LEU A 72 -7.79 10.28 10.30
C LEU A 72 -6.50 10.65 11.02
N ASP A 73 -6.60 11.59 11.94
CA ASP A 73 -5.44 12.03 12.71
C ASP A 73 -5.08 11.02 13.80
N LYS A 74 -3.89 10.44 13.69
CA LYS A 74 -3.44 9.46 14.66
C LYS A 74 -2.26 10.00 15.48
N ASN A 75 -1.13 10.20 14.82
CA ASN A 75 0.07 10.71 15.48
C ASN A 75 -0.07 12.21 15.74
N LYS A 76 0.61 12.68 16.78
CA LYS A 76 0.57 14.10 17.14
C LYS A 76 1.98 14.69 17.20
N GLU A 77 2.84 14.24 16.29
CA GLU A 77 4.22 14.72 16.24
C GLU A 77 4.44 15.64 15.04
N VAL A 78 5.30 16.62 15.21
CA VAL A 78 5.61 17.56 14.14
C VAL A 78 6.34 16.89 12.99
N ILE A 79 5.88 17.14 11.77
CA ILE A 79 6.50 16.55 10.59
C ILE A 79 7.97 16.94 10.47
N ASP A 80 8.69 16.26 9.59
CA ASP A 80 10.11 16.55 9.38
C ASP A 80 10.56 16.08 8.00
N LYS A 81 11.81 16.36 7.66
CA LYS A 81 12.37 15.98 6.38
C LYS A 81 13.86 15.71 6.48
N ARG A 82 14.46 15.27 5.38
CA ARG A 82 15.88 14.97 5.36
C ARG A 82 16.48 15.30 3.98
N LYS A 83 17.52 16.14 3.99
CA LYS A 83 18.18 16.53 2.75
C LYS A 83 17.20 17.21 1.80
N GLY A 84 16.28 18.00 2.37
CA GLY A 84 15.30 18.69 1.56
C GLY A 84 15.50 20.19 1.57
N GLY A 1 -18.22 -32.47 22.86
CA GLY A 1 -18.41 -31.23 22.13
C GLY A 1 -18.79 -31.47 20.68
N PRO A 2 -19.27 -30.40 20.01
CA PRO A 2 -19.68 -30.47 18.61
C PRO A 2 -18.49 -30.67 17.67
N LEU A 3 -18.50 -31.77 16.93
CA LEU A 3 -17.43 -32.08 15.99
C LEU A 3 -17.78 -31.61 14.58
N GLY A 4 -16.86 -30.90 13.95
CA GLY A 4 -17.09 -30.39 12.61
C GLY A 4 -15.92 -30.65 11.69
N SER A 5 -15.85 -29.90 10.59
CA SER A 5 -14.78 -30.05 9.62
C SER A 5 -14.89 -28.98 8.53
N PRO A 6 -14.57 -27.73 8.91
CA PRO A 6 -14.62 -26.59 7.98
C PRO A 6 -13.51 -26.66 6.93
N GLU A 7 -13.78 -26.12 5.74
CA GLU A 7 -12.82 -26.12 4.65
C GLU A 7 -12.15 -24.76 4.53
N PHE A 8 -10.98 -24.74 3.90
CA PHE A 8 -10.22 -23.50 3.71
C PHE A 8 -10.78 -22.71 2.52
N SER A 9 -10.27 -21.49 2.34
CA SER A 9 -10.71 -20.63 1.25
C SER A 9 -9.51 -20.12 0.45
N TYR A 10 -9.75 -19.76 -0.80
CA TYR A 10 -8.69 -19.25 -1.67
C TYR A 10 -9.29 -18.48 -2.85
N PHE A 11 -8.75 -17.29 -3.10
CA PHE A 11 -9.22 -16.45 -4.19
C PHE A 11 -8.15 -15.44 -4.60
N ALA A 12 -8.33 -14.83 -5.77
CA ALA A 12 -7.39 -13.85 -6.27
C ALA A 12 -8.10 -12.55 -6.64
N LYS A 13 -7.49 -11.42 -6.27
CA LYS A 13 -8.06 -10.11 -6.57
C LYS A 13 -7.02 -9.19 -7.20
N ILE A 14 -6.73 -9.43 -8.47
CA ILE A 14 -5.76 -8.63 -9.20
C ILE A 14 -6.22 -7.19 -9.32
N GLN A 15 -5.28 -6.25 -9.23
CA GLN A 15 -5.60 -4.83 -9.34
C GLN A 15 -4.56 -4.11 -10.19
N PRO A 16 -4.93 -2.92 -10.70
CA PRO A 16 -4.05 -2.10 -11.54
C PRO A 16 -2.90 -1.49 -10.73
N HIS A 17 -3.10 -1.39 -9.44
CA HIS A 17 -2.07 -0.82 -8.57
C HIS A 17 -0.75 -1.56 -8.78
N THR A 18 0.31 -0.79 -9.00
CA THR A 18 1.63 -1.33 -9.24
C THR A 18 2.46 -1.31 -7.95
N PHE A 19 2.48 -2.43 -7.25
CA PHE A 19 3.24 -2.55 -6.00
C PHE A 19 4.73 -2.70 -6.30
N ILE A 20 5.53 -1.78 -5.74
CA ILE A 20 6.98 -1.82 -5.93
C ILE A 20 7.71 -1.79 -4.60
N GLU A 21 8.88 -2.42 -4.56
CA GLU A 21 9.68 -2.46 -3.35
C GLU A 21 10.46 -1.17 -3.15
N GLY A 22 10.23 -0.52 -2.01
CA GLY A 22 10.90 0.73 -1.71
C GLY A 22 12.27 0.52 -1.07
N GLU A 23 12.64 1.42 -0.16
CA GLU A 23 13.92 1.33 0.51
C GLU A 23 13.75 1.56 2.02
N GLU A 24 12.91 2.53 2.37
CA GLU A 24 12.67 2.85 3.77
C GLU A 24 11.88 1.74 4.45
N ILE A 25 12.42 1.23 5.55
CA ILE A 25 11.77 0.16 6.30
C ILE A 25 10.76 0.72 7.29
N VAL A 26 9.64 0.01 7.46
CA VAL A 26 8.59 0.43 8.37
C VAL A 26 7.94 -0.76 9.06
N LYS A 27 7.64 -0.61 10.34
CA LYS A 27 7.02 -1.67 11.11
C LYS A 27 5.49 -1.53 11.11
N CYS A 28 4.81 -2.58 10.69
CA CYS A 28 3.35 -2.58 10.64
C CYS A 28 2.75 -2.93 12.01
N SER A 29 1.56 -2.41 12.28
CA SER A 29 0.89 -2.66 13.55
C SER A 29 0.16 -4.01 13.51
N GLU A 30 -0.30 -4.39 12.32
CA GLU A 30 -1.02 -5.64 12.16
C GLU A 30 -0.06 -6.77 11.76
N CYS A 31 0.72 -6.54 10.72
CA CYS A 31 1.68 -7.53 10.24
C CYS A 31 2.85 -7.66 11.21
N GLY A 32 3.26 -6.55 11.79
CA GLY A 32 4.37 -6.56 12.72
C GLY A 32 5.60 -7.23 12.16
N ASN A 33 6.07 -6.74 11.02
CA ASN A 33 7.26 -7.31 10.37
C ASN A 33 7.91 -6.29 9.45
N GLU A 34 9.24 -6.24 9.46
CA GLU A 34 9.98 -5.32 8.62
C GLU A 34 9.53 -5.42 7.16
N THR A 35 9.00 -4.32 6.63
CA THR A 35 8.54 -4.28 5.25
C THR A 35 8.69 -2.90 4.65
N LYS A 36 9.17 -2.85 3.41
CA LYS A 36 9.37 -1.57 2.72
C LYS A 36 8.78 -1.62 1.32
N VAL A 37 7.49 -1.31 1.20
CA VAL A 37 6.82 -1.32 -0.09
C VAL A 37 6.13 0.02 -0.36
N PHE A 38 6.03 0.38 -1.64
CA PHE A 38 5.39 1.63 -2.04
C PHE A 38 4.62 1.46 -3.34
N CYS A 39 3.40 1.97 -3.37
CA CYS A 39 2.56 1.88 -4.55
C CYS A 39 2.80 3.07 -5.49
N GLN A 40 3.32 2.77 -6.69
CA GLN A 40 3.60 3.81 -7.67
C GLN A 40 2.31 4.51 -8.10
N GLU A 41 1.30 3.72 -8.46
CA GLU A 41 0.02 4.26 -8.90
C GLU A 41 -0.50 5.29 -7.90
N CYS A 42 -0.50 4.92 -6.62
CA CYS A 42 -0.98 5.82 -5.57
C CYS A 42 0.00 6.96 -5.35
N THR A 43 1.28 6.63 -5.26
CA THR A 43 2.31 7.63 -5.04
C THR A 43 2.20 8.76 -6.05
N ILE A 44 1.73 8.44 -7.25
CA ILE A 44 1.58 9.44 -8.29
C ILE A 44 0.31 10.26 -8.08
N LEU A 45 -0.84 9.60 -8.16
CA LEU A 45 -2.12 10.27 -7.98
C LEU A 45 -2.13 11.09 -6.69
N LYS A 46 -1.81 10.43 -5.58
CA LYS A 46 -1.79 11.08 -4.28
C LYS A 46 -0.60 12.03 -4.18
N ALA A 47 0.46 11.73 -4.93
CA ALA A 47 1.66 12.55 -4.93
C ALA A 47 2.37 12.47 -3.59
N GLU A 48 2.33 11.29 -2.97
CA GLU A 48 2.98 11.09 -1.68
C GLU A 48 3.38 9.63 -1.49
N VAL A 49 4.62 9.41 -1.09
CA VAL A 49 5.13 8.06 -0.88
C VAL A 49 4.30 7.32 0.17
N VAL A 50 3.76 6.17 -0.23
CA VAL A 50 2.93 5.36 0.68
C VAL A 50 3.67 4.10 1.10
N GLY A 51 3.26 3.53 2.23
CA GLY A 51 3.89 2.31 2.73
C GLY A 51 2.96 1.11 2.68
N LEU A 52 3.44 0.01 2.14
CA LEU A 52 2.65 -1.21 2.05
C LEU A 52 3.44 -2.42 2.51
N CYS A 53 2.77 -3.56 2.62
CA CYS A 53 3.41 -4.80 3.06
C CYS A 53 3.34 -5.86 1.97
N HIS A 54 4.46 -6.53 1.73
CA HIS A 54 4.53 -7.57 0.73
C HIS A 54 3.53 -8.68 1.02
N GLU A 55 3.13 -8.80 2.28
CA GLU A 55 2.18 -9.82 2.69
C GLU A 55 0.75 -9.41 2.32
N LYS A 56 0.62 -8.23 1.73
CA LYS A 56 -0.68 -7.72 1.32
C LYS A 56 -1.48 -8.80 0.57
N ASP A 57 -0.76 -9.62 -0.18
CA ASP A 57 -1.40 -10.70 -0.95
C ASP A 57 -2.32 -11.52 -0.05
N THR A 58 -1.76 -12.08 1.02
CA THR A 58 -2.53 -12.89 1.95
C THR A 58 -2.53 -12.28 3.34
N ILE A 59 -3.34 -11.24 3.52
CA ILE A 59 -3.44 -10.56 4.81
C ILE A 59 -4.52 -9.49 4.79
N LYS A 60 -5.02 -9.12 5.97
CA LYS A 60 -6.05 -8.09 6.08
C LYS A 60 -5.50 -6.72 5.73
N CYS A 61 -4.19 -6.56 5.88
CA CYS A 61 -3.54 -5.29 5.58
C CYS A 61 -3.98 -4.75 4.22
N GLN A 62 -4.23 -5.66 3.29
CA GLN A 62 -4.67 -5.28 1.96
C GLN A 62 -5.86 -4.32 2.02
N ARG A 63 -6.77 -4.59 2.94
CA ARG A 63 -7.95 -3.74 3.10
C ARG A 63 -7.55 -2.29 3.33
N PHE A 64 -6.45 -2.08 4.04
CA PHE A 64 -5.95 -0.74 4.33
C PHE A 64 -5.69 0.03 3.04
N HIS A 65 -4.91 -0.58 2.14
CA HIS A 65 -4.57 0.05 0.87
C HIS A 65 -5.82 0.18 -0.01
N GLU A 66 -6.70 -0.80 0.07
CA GLU A 66 -7.93 -0.79 -0.73
C GLU A 66 -8.68 0.53 -0.54
N PHE A 67 -9.03 0.84 0.70
CA PHE A 67 -9.75 2.06 1.00
C PHE A 67 -8.90 3.01 1.84
N MET A 68 -7.61 3.07 1.51
CA MET A 68 -6.67 3.93 2.24
C MET A 68 -7.22 5.36 2.33
N ASP A 69 -7.89 5.80 1.26
CA ASP A 69 -8.47 7.14 1.22
C ASP A 69 -9.60 7.28 2.25
N PHE A 70 -9.25 7.70 3.45
CA PHE A 70 -10.24 7.87 4.51
C PHE A 70 -9.92 9.09 5.36
N GLU A 71 -10.92 9.61 6.05
CA GLU A 71 -10.75 10.78 6.90
C GLU A 71 -10.47 10.38 8.35
N LEU A 72 -10.09 11.34 9.17
CA LEU A 72 -9.79 11.09 10.58
C LEU A 72 -10.85 11.71 11.48
N ASP A 73 -10.66 11.56 12.78
CA ASP A 73 -11.60 12.11 13.75
C ASP A 73 -10.88 12.89 14.85
N LYS A 74 -10.17 13.94 14.43
CA LYS A 74 -9.42 14.78 15.37
C LYS A 74 -8.49 13.93 16.23
N ASN A 75 -7.62 13.16 15.57
CA ASN A 75 -6.67 12.30 16.28
C ASN A 75 -5.41 13.08 16.62
N LYS A 76 -5.57 14.23 17.26
CA LYS A 76 -4.45 15.06 17.65
C LYS A 76 -3.37 15.07 16.57
N GLU A 77 -3.80 15.15 15.32
CA GLU A 77 -2.87 15.16 14.19
C GLU A 77 -1.96 16.37 14.24
N VAL A 78 -0.87 16.34 13.48
CA VAL A 78 0.08 17.44 13.44
C VAL A 78 0.22 18.00 12.02
N ILE A 79 0.15 19.33 11.92
CA ILE A 79 0.27 19.99 10.62
C ILE A 79 1.52 20.87 10.56
N ASP A 80 1.70 21.55 9.44
CA ASP A 80 2.85 22.43 9.26
C ASP A 80 2.41 23.80 8.75
N LYS A 81 1.94 24.65 9.66
CA LYS A 81 1.49 25.99 9.30
C LYS A 81 2.56 27.02 9.63
N ARG A 82 2.58 28.10 8.85
CA ARG A 82 3.56 29.16 9.07
C ARG A 82 3.06 30.16 10.11
N LYS A 83 1.85 30.67 9.90
CA LYS A 83 1.26 31.63 10.83
C LYS A 83 0.77 30.93 12.10
N GLY A 84 0.51 31.72 13.13
CA GLY A 84 0.04 31.17 14.39
C GLY A 84 -1.37 30.64 14.30
N GLY A 1 34.06 -24.36 -12.51
CA GLY A 1 33.12 -23.79 -11.57
C GLY A 1 32.57 -22.46 -12.04
N PRO A 2 31.65 -22.50 -13.01
CA PRO A 2 31.03 -21.30 -13.57
C PRO A 2 30.09 -20.62 -12.58
N LEU A 3 30.14 -19.29 -12.52
CA LEU A 3 29.29 -18.54 -11.61
C LEU A 3 28.39 -17.58 -12.40
N GLY A 4 27.08 -17.80 -12.33
CA GLY A 4 26.14 -16.94 -13.03
C GLY A 4 24.81 -16.86 -12.32
N SER A 5 23.91 -16.05 -12.87
CA SER A 5 22.58 -15.87 -12.27
C SER A 5 21.49 -16.06 -13.32
N PRO A 6 20.25 -16.32 -12.85
CA PRO A 6 19.10 -16.53 -13.72
C PRO A 6 18.66 -15.25 -14.42
N GLU A 7 18.57 -15.30 -15.75
CA GLU A 7 18.16 -14.15 -16.54
C GLU A 7 16.81 -13.62 -16.07
N PHE A 8 16.60 -12.32 -16.26
CA PHE A 8 15.34 -11.69 -15.85
C PHE A 8 14.31 -11.76 -16.97
N SER A 9 13.07 -12.06 -16.60
CA SER A 9 11.98 -12.17 -17.58
C SER A 9 11.37 -10.79 -17.85
N TYR A 10 10.51 -10.74 -18.86
CA TYR A 10 9.85 -9.48 -19.23
C TYR A 10 8.34 -9.68 -19.34
N PHE A 11 7.61 -9.11 -18.40
CA PHE A 11 6.15 -9.21 -18.38
C PHE A 11 5.53 -8.14 -17.48
N ALA A 12 4.46 -7.52 -17.95
CA ALA A 12 3.78 -6.49 -17.19
C ALA A 12 2.50 -6.04 -17.89
N LYS A 13 1.63 -5.38 -17.15
CA LYS A 13 0.36 -4.89 -17.70
C LYS A 13 -0.23 -3.79 -16.83
N ILE A 14 -1.14 -3.01 -17.40
CA ILE A 14 -1.78 -1.92 -16.66
C ILE A 14 -2.64 -2.46 -15.53
N GLN A 15 -2.52 -1.84 -14.35
CA GLN A 15 -3.29 -2.26 -13.18
C GLN A 15 -3.76 -1.04 -12.39
N PRO A 16 -4.79 -1.25 -11.55
CA PRO A 16 -5.36 -0.19 -10.73
C PRO A 16 -4.42 0.25 -9.61
N HIS A 17 -3.65 -0.69 -9.09
CA HIS A 17 -2.72 -0.39 -8.02
C HIS A 17 -1.38 -1.07 -8.31
N THR A 18 -0.39 -0.25 -8.66
CA THR A 18 0.95 -0.73 -8.96
C THR A 18 1.77 -0.93 -7.69
N PHE A 19 1.75 -2.15 -7.17
CA PHE A 19 2.49 -2.47 -5.96
C PHE A 19 3.94 -2.80 -6.27
N ILE A 20 4.85 -2.01 -5.70
CA ILE A 20 6.28 -2.21 -5.93
C ILE A 20 7.05 -2.21 -4.61
N GLU A 21 8.21 -2.85 -4.62
CA GLU A 21 9.05 -2.93 -3.42
C GLU A 21 10.04 -1.78 -3.38
N GLY A 22 10.03 -1.03 -2.28
CA GLY A 22 10.93 0.10 -2.14
C GLY A 22 12.03 -0.17 -1.14
N GLU A 23 12.58 0.89 -0.56
CA GLU A 23 13.66 0.76 0.42
C GLU A 23 13.19 1.20 1.80
N GLU A 24 12.32 2.20 1.83
CA GLU A 24 11.79 2.71 3.10
C GLU A 24 11.28 1.58 3.97
N ILE A 25 11.66 1.61 5.24
CA ILE A 25 11.24 0.57 6.19
C ILE A 25 9.99 1.01 6.95
N VAL A 26 8.87 0.38 6.61
CA VAL A 26 7.59 0.70 7.26
C VAL A 26 7.19 -0.40 8.24
N LYS A 27 6.63 0.00 9.38
CA LYS A 27 6.20 -0.94 10.39
C LYS A 27 4.69 -1.14 10.34
N CYS A 28 4.27 -2.33 9.94
CA CYS A 28 2.85 -2.65 9.85
C CYS A 28 2.17 -2.50 11.21
N SER A 29 0.88 -2.18 11.18
CA SER A 29 0.11 -2.00 12.41
C SER A 29 -0.36 -3.33 12.95
N GLU A 30 -0.42 -4.34 12.08
CA GLU A 30 -0.85 -5.68 12.48
C GLU A 30 0.33 -6.62 12.60
N CYS A 31 1.22 -6.57 11.61
CA CYS A 31 2.40 -7.42 11.60
C CYS A 31 3.51 -6.84 12.49
N GLY A 32 3.57 -5.51 12.55
CA GLY A 32 4.57 -4.85 13.36
C GLY A 32 5.99 -5.30 13.02
N ASN A 33 6.21 -5.63 11.75
CA ASN A 33 7.53 -6.08 11.30
C ASN A 33 8.14 -5.06 10.34
N GLU A 34 9.22 -5.47 9.68
CA GLU A 34 9.90 -4.60 8.73
C GLU A 34 9.57 -4.99 7.30
N THR A 35 9.17 -4.00 6.50
CA THR A 35 8.81 -4.24 5.11
C THR A 35 8.99 -2.97 4.27
N LYS A 36 9.39 -3.15 3.02
CA LYS A 36 9.60 -2.02 2.11
C LYS A 36 8.68 -2.13 0.89
N VAL A 37 7.46 -1.60 1.03
CA VAL A 37 6.49 -1.64 -0.06
C VAL A 37 5.94 -0.25 -0.34
N PHE A 38 5.65 0.03 -1.61
CA PHE A 38 5.11 1.32 -2.01
C PHE A 38 4.31 1.19 -3.31
N CYS A 39 3.13 1.79 -3.33
CA CYS A 39 2.27 1.74 -4.51
C CYS A 39 2.56 2.93 -5.43
N GLN A 40 3.01 2.64 -6.65
CA GLN A 40 3.32 3.67 -7.62
C GLN A 40 2.07 4.48 -7.99
N GLU A 41 1.02 3.77 -8.40
CA GLU A 41 -0.23 4.42 -8.77
C GLU A 41 -0.65 5.43 -7.71
N CYS A 42 -0.39 5.11 -6.46
CA CYS A 42 -0.74 5.99 -5.35
C CYS A 42 0.34 7.04 -5.12
N THR A 43 1.59 6.66 -5.33
CA THR A 43 2.72 7.55 -5.15
C THR A 43 2.56 8.81 -5.99
N ILE A 44 2.20 8.64 -7.25
CA ILE A 44 2.00 9.77 -8.16
C ILE A 44 0.71 10.50 -7.86
N LEU A 45 -0.40 9.76 -7.88
CA LEU A 45 -1.71 10.35 -7.60
C LEU A 45 -1.69 11.15 -6.31
N LYS A 46 -1.29 10.50 -5.21
CA LYS A 46 -1.22 11.15 -3.91
C LYS A 46 -0.03 12.10 -3.85
N ALA A 47 0.97 11.84 -4.69
CA ALA A 47 2.16 12.68 -4.72
C ALA A 47 2.97 12.53 -3.44
N GLU A 48 3.07 11.30 -2.94
CA GLU A 48 3.82 11.02 -1.72
C GLU A 48 4.04 9.53 -1.54
N VAL A 49 5.29 9.15 -1.26
CA VAL A 49 5.62 7.74 -1.07
C VAL A 49 4.72 7.09 -0.02
N VAL A 50 3.98 6.08 -0.44
CA VAL A 50 3.06 5.38 0.46
C VAL A 50 3.66 4.05 0.91
N GLY A 51 3.27 3.61 2.11
CA GLY A 51 3.77 2.35 2.63
C GLY A 51 2.73 1.25 2.62
N LEU A 52 3.16 0.03 2.30
CA LEU A 52 2.24 -1.10 2.25
C LEU A 52 2.89 -2.34 2.86
N CYS A 53 2.11 -3.40 3.01
CA CYS A 53 2.61 -4.65 3.59
C CYS A 53 2.97 -5.65 2.48
N HIS A 54 4.21 -6.13 2.51
CA HIS A 54 4.68 -7.08 1.52
C HIS A 54 3.82 -8.34 1.53
N GLU A 55 3.21 -8.63 2.67
CA GLU A 55 2.36 -9.81 2.82
C GLU A 55 1.00 -9.58 2.17
N LYS A 56 0.81 -8.38 1.63
CA LYS A 56 -0.45 -8.03 0.98
C LYS A 56 -0.91 -9.14 0.04
N ASP A 57 0.05 -9.84 -0.55
CA ASP A 57 -0.25 -10.93 -1.46
C ASP A 57 -1.31 -11.87 -0.87
N THR A 58 -1.24 -12.05 0.44
CA THR A 58 -2.20 -12.92 1.13
C THR A 58 -2.34 -12.52 2.59
N ILE A 59 -3.07 -11.42 2.82
CA ILE A 59 -3.30 -10.93 4.18
C ILE A 59 -4.28 -9.77 4.19
N LYS A 60 -4.93 -9.56 5.32
CA LYS A 60 -5.90 -8.47 5.46
C LYS A 60 -5.23 -7.12 5.22
N CYS A 61 -3.95 -7.04 5.53
CA CYS A 61 -3.20 -5.81 5.35
C CYS A 61 -3.45 -5.20 3.97
N GLN A 62 -3.62 -6.07 2.97
CA GLN A 62 -3.88 -5.64 1.61
C GLN A 62 -5.05 -4.65 1.56
N ARG A 63 -6.13 -5.00 2.23
CA ARG A 63 -7.32 -4.16 2.26
C ARG A 63 -6.98 -2.78 2.84
N PHE A 64 -6.06 -2.75 3.79
CA PHE A 64 -5.66 -1.50 4.42
C PHE A 64 -5.29 -0.46 3.38
N HIS A 65 -4.73 -0.92 2.26
CA HIS A 65 -4.33 -0.03 1.18
C HIS A 65 -5.47 0.91 0.79
N GLU A 66 -6.60 0.32 0.40
CA GLU A 66 -7.77 1.10 0.01
C GLU A 66 -8.39 1.79 1.22
N PHE A 67 -8.36 1.11 2.36
CA PHE A 67 -8.94 1.65 3.59
C PHE A 67 -7.86 2.36 4.42
N MET A 68 -6.97 3.08 3.73
CA MET A 68 -5.91 3.80 4.40
C MET A 68 -6.29 5.26 4.64
N ASP A 69 -7.60 5.50 4.76
CA ASP A 69 -8.10 6.85 4.99
C ASP A 69 -7.44 7.48 6.21
N PHE A 70 -7.19 6.66 7.22
CA PHE A 70 -6.56 7.14 8.46
C PHE A 70 -5.06 7.34 8.25
N GLU A 71 -4.63 8.60 8.20
CA GLU A 71 -3.23 8.92 8.01
C GLU A 71 -2.72 9.83 9.13
N LEU A 72 -1.49 9.59 9.57
CA LEU A 72 -0.90 10.39 10.64
C LEU A 72 0.19 11.31 10.08
N ASP A 73 0.94 11.94 10.98
CA ASP A 73 2.01 12.84 10.58
C ASP A 73 3.32 12.08 10.39
N LYS A 74 3.32 11.13 9.47
CA LYS A 74 4.51 10.33 9.20
C LYS A 74 5.22 10.81 7.94
N ASN A 75 5.73 12.03 7.98
CA ASN A 75 6.43 12.61 6.84
C ASN A 75 7.90 12.21 6.84
N LYS A 76 8.21 11.13 6.11
CA LYS A 76 9.58 10.64 6.02
C LYS A 76 10.12 10.80 4.60
N GLU A 77 11.10 11.70 4.45
CA GLU A 77 11.71 11.95 3.15
C GLU A 77 13.16 11.49 3.13
N VAL A 78 13.58 10.89 2.02
CA VAL A 78 14.94 10.41 1.88
C VAL A 78 15.46 10.63 0.46
N ILE A 79 16.74 10.96 0.35
CA ILE A 79 17.36 11.20 -0.95
C ILE A 79 17.12 10.04 -1.89
N ASP A 80 17.14 10.32 -3.20
CA ASP A 80 16.93 9.30 -4.21
C ASP A 80 17.65 9.65 -5.50
N LYS A 81 17.99 8.63 -6.28
CA LYS A 81 18.69 8.83 -7.54
C LYS A 81 18.72 7.54 -8.36
N ARG A 82 19.12 7.66 -9.62
CA ARG A 82 19.19 6.50 -10.51
C ARG A 82 20.53 6.45 -11.24
N LYS A 83 21.01 7.61 -11.65
CA LYS A 83 22.29 7.70 -12.36
C LYS A 83 22.28 6.82 -13.60
N GLY A 84 21.27 7.00 -14.45
CA GLY A 84 21.17 6.21 -15.66
C GLY A 84 22.08 6.73 -16.76
N GLY A 1 -30.42 -8.13 -36.39
CA GLY A 1 -29.56 -7.13 -35.80
C GLY A 1 -30.32 -5.96 -35.21
N PRO A 2 -31.04 -6.22 -34.10
CA PRO A 2 -31.84 -5.19 -33.43
C PRO A 2 -30.97 -4.13 -32.75
N LEU A 3 -29.85 -4.57 -32.19
CA LEU A 3 -28.93 -3.66 -31.51
C LEU A 3 -27.79 -3.25 -32.44
N GLY A 4 -27.19 -2.09 -32.14
CA GLY A 4 -26.10 -1.61 -32.96
C GLY A 4 -25.16 -0.69 -32.19
N SER A 5 -25.62 0.52 -31.90
CA SER A 5 -24.82 1.49 -31.16
C SER A 5 -25.48 1.85 -29.84
N PRO A 6 -25.48 0.88 -28.90
CA PRO A 6 -26.08 1.08 -27.57
C PRO A 6 -25.27 2.05 -26.71
N GLU A 7 -25.89 3.16 -26.35
CA GLU A 7 -25.24 4.18 -25.53
C GLU A 7 -24.76 3.58 -24.22
N PHE A 8 -23.62 4.07 -23.73
CA PHE A 8 -23.05 3.58 -22.48
C PHE A 8 -23.56 4.40 -21.29
N SER A 9 -24.11 3.72 -20.30
CA SER A 9 -24.64 4.38 -19.11
C SER A 9 -23.52 4.74 -18.14
N TYR A 10 -22.64 5.63 -18.58
CA TYR A 10 -21.51 6.06 -17.75
C TYR A 10 -20.66 4.86 -17.34
N PHE A 11 -20.51 3.91 -18.25
CA PHE A 11 -19.71 2.72 -17.99
C PHE A 11 -18.29 3.10 -17.57
N ALA A 12 -17.90 2.64 -16.39
CA ALA A 12 -16.56 2.93 -15.86
C ALA A 12 -15.81 1.65 -15.54
N LYS A 13 -14.57 1.79 -15.10
CA LYS A 13 -13.74 0.63 -14.75
C LYS A 13 -12.61 1.04 -13.82
N ILE A 14 -12.20 0.13 -12.95
CA ILE A 14 -11.12 0.39 -12.01
C ILE A 14 -9.77 0.03 -12.61
N GLN A 15 -8.75 0.80 -12.25
CA GLN A 15 -7.40 0.56 -12.75
C GLN A 15 -6.59 -0.28 -11.77
N PRO A 16 -5.60 -1.02 -12.30
CA PRO A 16 -4.72 -1.87 -11.49
C PRO A 16 -3.80 -1.07 -10.59
N HIS A 17 -2.90 -1.77 -9.90
CA HIS A 17 -1.96 -1.11 -9.01
C HIS A 17 -0.54 -1.63 -9.29
N THR A 18 0.44 -0.77 -8.99
CA THR A 18 1.83 -1.12 -9.20
C THR A 18 2.59 -1.13 -7.87
N PHE A 19 2.83 -2.32 -7.34
CA PHE A 19 3.55 -2.46 -6.08
C PHE A 19 5.04 -2.64 -6.33
N ILE A 20 5.84 -1.76 -5.72
CA ILE A 20 7.29 -1.83 -5.88
C ILE A 20 7.99 -1.79 -4.52
N GLU A 21 9.18 -2.37 -4.46
CA GLU A 21 9.95 -2.41 -3.22
C GLU A 21 10.63 -1.06 -2.97
N GLY A 22 10.30 -0.44 -1.83
CA GLY A 22 10.89 0.83 -1.50
C GLY A 22 12.32 0.71 -0.99
N GLU A 23 12.75 1.68 -0.20
CA GLU A 23 14.10 1.68 0.35
C GLU A 23 14.06 1.58 1.87
N GLU A 24 13.47 2.59 2.51
CA GLU A 24 13.37 2.62 3.96
C GLU A 24 12.54 1.45 4.48
N ILE A 25 13.00 0.83 5.57
CA ILE A 25 12.31 -0.31 6.16
C ILE A 25 11.20 0.17 7.11
N VAL A 26 9.95 -0.01 6.66
CA VAL A 26 8.81 0.39 7.46
C VAL A 26 8.15 -0.82 8.13
N LYS A 27 7.71 -0.64 9.37
CA LYS A 27 7.06 -1.71 10.11
C LYS A 27 5.55 -1.55 10.10
N CYS A 28 4.86 -2.50 9.46
CA CYS A 28 3.41 -2.47 9.37
C CYS A 28 2.78 -2.28 10.75
N SER A 29 1.61 -1.66 10.79
CA SER A 29 0.91 -1.41 12.04
C SER A 29 0.19 -2.67 12.53
N GLU A 30 -0.17 -3.53 11.57
CA GLU A 30 -0.86 -4.77 11.89
C GLU A 30 0.12 -5.95 11.95
N CYS A 31 0.92 -6.09 10.89
CA CYS A 31 1.89 -7.17 10.81
C CYS A 31 3.06 -6.92 11.75
N GLY A 32 3.46 -5.66 11.87
CA GLY A 32 4.57 -5.30 12.74
C GLY A 32 5.86 -6.00 12.36
N ASN A 33 6.11 -6.09 11.06
CA ASN A 33 7.32 -6.74 10.55
C ASN A 33 8.10 -5.81 9.63
N GLU A 34 9.39 -6.07 9.49
CA GLU A 34 10.25 -5.26 8.63
C GLU A 34 9.91 -5.46 7.17
N THR A 35 9.44 -4.40 6.52
CA THR A 35 9.07 -4.46 5.10
C THR A 35 9.16 -3.09 4.45
N LYS A 36 9.42 -3.07 3.15
CA LYS A 36 9.52 -1.82 2.40
C LYS A 36 8.79 -1.92 1.07
N VAL A 37 7.49 -1.63 1.08
CA VAL A 37 6.69 -1.69 -0.14
C VAL A 37 5.94 -0.37 -0.36
N PHE A 38 5.90 0.06 -1.61
CA PHE A 38 5.22 1.31 -1.97
C PHE A 38 4.55 1.18 -3.33
N CYS A 39 3.30 1.64 -3.41
CA CYS A 39 2.54 1.58 -4.66
C CYS A 39 2.80 2.82 -5.51
N GLN A 40 3.41 2.62 -6.66
CA GLN A 40 3.72 3.72 -7.57
C GLN A 40 2.45 4.45 -7.99
N GLU A 41 1.46 3.70 -8.47
CA GLU A 41 0.20 4.27 -8.90
C GLU A 41 -0.37 5.21 -7.85
N CYS A 42 -0.58 4.69 -6.65
CA CYS A 42 -1.12 5.48 -5.54
C CYS A 42 -0.21 6.67 -5.24
N THR A 43 1.09 6.42 -5.20
CA THR A 43 2.07 7.46 -4.92
C THR A 43 1.84 8.69 -5.81
N ILE A 44 1.38 8.43 -7.03
CA ILE A 44 1.12 9.50 -7.98
C ILE A 44 -0.18 10.24 -7.65
N LEU A 45 -1.26 9.49 -7.55
CA LEU A 45 -2.56 10.06 -7.23
C LEU A 45 -2.51 10.82 -5.91
N LYS A 46 -2.09 10.14 -4.86
CA LYS A 46 -1.99 10.75 -3.53
C LYS A 46 -0.83 11.74 -3.48
N ALA A 47 0.15 11.54 -4.35
CA ALA A 47 1.31 12.42 -4.41
C ALA A 47 2.16 12.28 -3.15
N GLU A 48 2.23 11.06 -2.61
CA GLU A 48 3.00 10.80 -1.40
C GLU A 48 3.44 9.35 -1.34
N VAL A 49 4.60 9.10 -0.74
CA VAL A 49 5.12 7.74 -0.62
C VAL A 49 4.31 6.93 0.38
N VAL A 50 3.61 5.93 -0.12
CA VAL A 50 2.80 5.07 0.73
C VAL A 50 3.57 3.83 1.18
N GLY A 51 3.24 3.33 2.36
CA GLY A 51 3.92 2.15 2.89
C GLY A 51 3.01 0.94 2.96
N LEU A 52 3.49 -0.19 2.48
CA LEU A 52 2.72 -1.43 2.49
C LEU A 52 3.57 -2.60 2.96
N CYS A 53 2.92 -3.75 3.16
CA CYS A 53 3.63 -4.95 3.59
C CYS A 53 3.54 -6.05 2.53
N HIS A 54 4.61 -6.82 2.39
CA HIS A 54 4.66 -7.90 1.42
C HIS A 54 3.51 -8.88 1.63
N GLU A 55 3.01 -8.93 2.86
CA GLU A 55 1.91 -9.83 3.20
C GLU A 55 0.61 -9.36 2.54
N LYS A 56 0.64 -8.17 1.95
CA LYS A 56 -0.52 -7.62 1.27
C LYS A 56 -1.20 -8.66 0.39
N ASP A 57 -0.39 -9.54 -0.18
CA ASP A 57 -0.91 -10.60 -1.04
C ASP A 57 -2.07 -11.33 -0.38
N THR A 58 -1.91 -11.63 0.91
CA THR A 58 -2.94 -12.33 1.67
C THR A 58 -3.00 -11.82 3.11
N ILE A 59 -3.69 -10.70 3.30
CA ILE A 59 -3.83 -10.12 4.63
C ILE A 59 -4.83 -8.96 4.62
N LYS A 60 -5.47 -8.73 5.76
CA LYS A 60 -6.45 -7.66 5.89
C LYS A 60 -5.88 -6.33 5.39
N CYS A 61 -4.58 -6.15 5.60
CA CYS A 61 -3.91 -4.92 5.17
C CYS A 61 -4.21 -4.61 3.71
N GLN A 62 -4.34 -5.66 2.90
CA GLN A 62 -4.63 -5.50 1.48
C GLN A 62 -5.85 -4.61 1.28
N ARG A 63 -6.95 -4.96 1.94
CA ARG A 63 -8.18 -4.19 1.83
C ARG A 63 -7.93 -2.71 2.09
N PHE A 64 -7.02 -2.42 3.02
CA PHE A 64 -6.69 -1.05 3.37
C PHE A 64 -6.31 -0.25 2.11
N HIS A 65 -5.64 -0.91 1.17
CA HIS A 65 -5.23 -0.27 -0.06
C HIS A 65 -6.41 0.44 -0.73
N GLU A 66 -7.58 -0.17 -0.62
CA GLU A 66 -8.79 0.40 -1.23
C GLU A 66 -9.41 1.43 -0.30
N PHE A 67 -9.46 1.11 0.99
CA PHE A 67 -10.04 2.02 1.97
C PHE A 67 -8.96 2.88 2.63
N MET A 68 -7.99 3.32 1.83
CA MET A 68 -6.90 4.14 2.33
C MET A 68 -7.45 5.34 3.10
N ASP A 69 -8.48 5.97 2.55
CA ASP A 69 -9.08 7.14 3.19
C ASP A 69 -9.97 6.72 4.35
N PHE A 70 -11.13 6.14 4.03
CA PHE A 70 -12.07 5.70 5.05
C PHE A 70 -13.19 4.87 4.44
N GLU A 71 -14.05 4.30 5.29
CA GLU A 71 -15.17 3.49 4.82
C GLU A 71 -16.48 4.23 5.02
N LEU A 72 -17.34 4.19 4.00
CA LEU A 72 -18.63 4.86 4.06
C LEU A 72 -19.72 3.99 3.43
N ASP A 73 -20.96 4.45 3.52
CA ASP A 73 -22.09 3.71 2.95
C ASP A 73 -22.93 4.62 2.06
N LYS A 74 -23.70 5.50 2.67
CA LYS A 74 -24.55 6.42 1.93
C LYS A 74 -23.72 7.48 1.23
N ASN A 75 -23.26 7.17 0.02
CA ASN A 75 -22.45 8.10 -0.76
C ASN A 75 -23.31 9.24 -1.31
N LYS A 76 -22.81 10.46 -1.21
CA LYS A 76 -23.53 11.63 -1.71
C LYS A 76 -22.84 12.20 -2.95
N GLU A 77 -22.74 11.38 -3.99
CA GLU A 77 -22.11 11.82 -5.24
C GLU A 77 -23.10 12.56 -6.12
N VAL A 78 -22.67 13.68 -6.68
CA VAL A 78 -23.52 14.48 -7.55
C VAL A 78 -22.78 14.87 -8.82
N ILE A 79 -23.54 14.98 -9.92
CA ILE A 79 -22.96 15.34 -11.21
C ILE A 79 -23.81 16.38 -11.92
N ASP A 80 -23.31 16.89 -13.04
CA ASP A 80 -24.03 17.89 -13.82
C ASP A 80 -24.21 17.43 -15.26
N LYS A 81 -25.31 17.88 -15.88
CA LYS A 81 -25.59 17.51 -17.26
C LYS A 81 -26.18 18.69 -18.03
N ARG A 82 -25.97 18.70 -19.34
CA ARG A 82 -26.47 19.78 -20.18
C ARG A 82 -28.00 19.75 -20.25
N LYS A 83 -28.55 18.56 -20.48
CA LYS A 83 -29.99 18.40 -20.56
C LYS A 83 -30.50 17.46 -19.47
N GLY A 84 -31.58 17.86 -18.81
CA GLY A 84 -32.15 17.03 -17.75
C GLY A 84 -32.47 15.63 -18.22
N GLY A 1 -7.32 -42.70 12.32
CA GLY A 1 -7.75 -41.78 11.27
C GLY A 1 -6.65 -41.47 10.28
N PRO A 2 -6.36 -42.45 9.40
CA PRO A 2 -5.32 -42.31 8.37
C PRO A 2 -5.72 -41.31 7.29
N LEU A 3 -5.33 -40.05 7.49
CA LEU A 3 -5.64 -39.01 6.51
C LEU A 3 -4.37 -38.25 6.10
N GLY A 4 -4.37 -37.75 4.87
CA GLY A 4 -3.22 -37.02 4.38
C GLY A 4 -3.29 -36.75 2.89
N SER A 5 -3.23 -35.48 2.51
CA SER A 5 -3.29 -35.09 1.11
C SER A 5 -2.40 -33.89 0.83
N PRO A 6 -2.06 -33.69 -0.46
CA PRO A 6 -1.21 -32.58 -0.89
C PRO A 6 -1.91 -31.23 -0.76
N GLU A 7 -1.28 -30.18 -1.27
CA GLU A 7 -1.84 -28.84 -1.22
C GLU A 7 -1.42 -28.03 -2.43
N PHE A 8 -2.41 -27.38 -3.07
CA PHE A 8 -2.14 -26.56 -4.24
C PHE A 8 -3.25 -25.53 -4.45
N SER A 9 -2.91 -24.44 -5.13
CA SER A 9 -3.86 -23.37 -5.38
C SER A 9 -3.38 -22.46 -6.52
N TYR A 10 -4.30 -21.70 -7.07
CA TYR A 10 -3.99 -20.79 -8.18
C TYR A 10 -4.65 -19.44 -7.99
N PHE A 11 -3.93 -18.38 -8.29
CA PHE A 11 -4.44 -17.02 -8.16
C PHE A 11 -3.77 -16.07 -9.15
N ALA A 12 -4.58 -15.34 -9.90
CA ALA A 12 -4.07 -14.40 -10.89
C ALA A 12 -5.20 -13.61 -11.53
N LYS A 13 -5.32 -12.34 -11.14
CA LYS A 13 -6.36 -11.47 -11.68
C LYS A 13 -5.78 -10.12 -12.07
N ILE A 14 -6.64 -9.22 -12.54
CA ILE A 14 -6.22 -7.89 -12.96
C ILE A 14 -5.42 -7.20 -11.85
N GLN A 15 -4.42 -6.42 -12.25
CA GLN A 15 -3.58 -5.71 -11.30
C GLN A 15 -3.60 -4.21 -11.57
N PRO A 16 -4.61 -3.52 -11.04
CA PRO A 16 -4.76 -2.07 -11.22
C PRO A 16 -3.70 -1.28 -10.46
N HIS A 17 -3.23 -1.84 -9.35
CA HIS A 17 -2.22 -1.18 -8.55
C HIS A 17 -0.86 -1.86 -8.77
N THR A 18 0.14 -1.03 -9.03
CA THR A 18 1.50 -1.52 -9.26
C THR A 18 2.31 -1.53 -7.97
N PHE A 19 2.28 -2.66 -7.26
CA PHE A 19 3.01 -2.80 -6.01
C PHE A 19 4.51 -2.92 -6.27
N ILE A 20 5.28 -2.00 -5.71
CA ILE A 20 6.73 -2.00 -5.88
C ILE A 20 7.44 -2.00 -4.52
N GLU A 21 8.63 -2.58 -4.50
CA GLU A 21 9.41 -2.65 -3.26
C GLU A 21 10.25 -1.39 -3.09
N GLY A 22 10.12 -0.75 -1.93
CA GLY A 22 10.86 0.47 -1.65
C GLY A 22 12.30 0.19 -1.27
N GLU A 23 12.87 1.06 -0.43
CA GLU A 23 14.25 0.90 0.02
C GLU A 23 14.31 0.88 1.55
N GLU A 24 13.90 1.98 2.16
CA GLU A 24 13.93 2.10 3.62
C GLU A 24 12.97 1.09 4.26
N ILE A 25 13.41 0.47 5.34
CA ILE A 25 12.59 -0.52 6.04
C ILE A 25 11.65 0.17 7.03
N VAL A 26 10.40 -0.27 7.05
CA VAL A 26 9.40 0.29 7.95
C VAL A 26 8.41 -0.78 8.39
N LYS A 27 7.90 -0.63 9.61
CA LYS A 27 6.94 -1.57 10.17
C LYS A 27 5.51 -1.11 9.91
N CYS A 28 4.69 -2.00 9.36
CA CYS A 28 3.30 -1.68 9.06
C CYS A 28 2.60 -1.10 10.29
N SER A 29 1.61 -0.24 10.04
CA SER A 29 0.86 0.39 11.12
C SER A 29 0.01 -0.63 11.86
N GLU A 30 -0.35 -1.71 11.16
CA GLU A 30 -1.17 -2.77 11.76
C GLU A 30 -0.36 -4.05 11.94
N CYS A 31 0.32 -4.46 10.88
CA CYS A 31 1.13 -5.67 10.92
C CYS A 31 2.38 -5.45 11.76
N GLY A 32 2.87 -4.22 11.78
CA GLY A 32 4.07 -3.91 12.55
C GLY A 32 5.22 -4.85 12.25
N ASN A 33 5.40 -5.15 10.97
CA ASN A 33 6.47 -6.04 10.55
C ASN A 33 7.44 -5.33 9.62
N GLU A 34 8.74 -5.54 9.83
CA GLU A 34 9.76 -4.91 9.00
C GLU A 34 9.50 -5.19 7.53
N THR A 35 9.16 -4.14 6.78
CA THR A 35 8.90 -4.27 5.36
C THR A 35 9.11 -2.94 4.63
N LYS A 36 9.37 -3.02 3.33
CA LYS A 36 9.60 -1.83 2.53
C LYS A 36 8.85 -1.91 1.20
N VAL A 37 7.59 -1.49 1.21
CA VAL A 37 6.77 -1.51 0.01
C VAL A 37 6.15 -0.15 -0.27
N PHE A 38 5.86 0.12 -1.53
CA PHE A 38 5.26 1.39 -1.94
C PHE A 38 4.50 1.25 -3.25
N CYS A 39 3.31 1.83 -3.31
CA CYS A 39 2.49 1.77 -4.51
C CYS A 39 2.77 2.96 -5.42
N GLN A 40 3.29 2.68 -6.61
CA GLN A 40 3.60 3.72 -7.57
C GLN A 40 2.35 4.49 -7.97
N GLU A 41 1.32 3.75 -8.36
CA GLU A 41 0.05 4.35 -8.77
C GLU A 41 -0.43 5.36 -7.74
N CYS A 42 -0.61 4.89 -6.51
CA CYS A 42 -1.08 5.75 -5.42
C CYS A 42 -0.09 6.87 -5.15
N THR A 43 1.19 6.52 -5.09
CA THR A 43 2.24 7.51 -4.84
C THR A 43 2.14 8.68 -5.82
N ILE A 44 1.72 8.38 -7.04
CA ILE A 44 1.58 9.41 -8.07
C ILE A 44 0.31 10.21 -7.86
N LEU A 45 -0.83 9.53 -7.95
CA LEU A 45 -2.12 10.19 -7.78
C LEU A 45 -2.15 11.01 -6.49
N LYS A 46 -1.85 10.36 -5.37
CA LYS A 46 -1.84 11.04 -4.08
C LYS A 46 -0.64 11.97 -3.95
N ALA A 47 0.41 11.66 -4.71
CA ALA A 47 1.63 12.48 -4.70
C ALA A 47 2.33 12.40 -3.34
N GLU A 48 2.35 11.20 -2.77
CA GLU A 48 2.99 10.99 -1.47
C GLU A 48 3.43 9.54 -1.32
N VAL A 49 4.68 9.35 -0.91
CA VAL A 49 5.23 8.01 -0.72
C VAL A 49 4.46 7.25 0.35
N VAL A 50 3.75 6.20 -0.06
CA VAL A 50 2.98 5.39 0.87
C VAL A 50 3.77 4.17 1.34
N GLY A 51 3.40 3.63 2.49
CA GLY A 51 4.08 2.47 3.03
C GLY A 51 3.18 1.26 3.12
N LEU A 52 3.59 0.17 2.50
CA LEU A 52 2.81 -1.07 2.52
C LEU A 52 3.67 -2.25 2.98
N CYS A 53 3.03 -3.39 3.19
CA CYS A 53 3.73 -4.59 3.61
C CYS A 53 3.66 -5.68 2.55
N HIS A 54 4.67 -6.54 2.51
CA HIS A 54 4.73 -7.62 1.53
C HIS A 54 3.57 -8.59 1.75
N GLU A 55 3.17 -8.77 3.00
CA GLU A 55 2.08 -9.68 3.33
C GLU A 55 0.78 -9.23 2.67
N LYS A 56 0.74 -7.98 2.24
CA LYS A 56 -0.44 -7.43 1.57
C LYS A 56 -0.97 -8.39 0.52
N ASP A 57 -0.06 -9.13 -0.11
CA ASP A 57 -0.44 -10.09 -1.14
C ASP A 57 -1.59 -10.97 -0.67
N THR A 58 -1.47 -11.47 0.56
CA THR A 58 -2.50 -12.33 1.13
C THR A 58 -2.74 -12.00 2.60
N ILE A 59 -3.55 -10.97 2.85
CA ILE A 59 -3.85 -10.55 4.21
C ILE A 59 -4.90 -9.45 4.22
N LYS A 60 -5.68 -9.38 5.29
CA LYS A 60 -6.72 -8.37 5.43
C LYS A 60 -6.16 -6.98 5.16
N CYS A 61 -4.89 -6.78 5.49
CA CYS A 61 -4.23 -5.50 5.28
C CYS A 61 -4.46 -4.99 3.85
N GLN A 62 -4.53 -5.93 2.90
CA GLN A 62 -4.75 -5.57 1.50
C GLN A 62 -5.95 -4.65 1.36
N ARG A 63 -7.02 -4.94 2.10
CA ARG A 63 -8.22 -4.14 2.05
C ARG A 63 -7.95 -2.70 2.47
N PHE A 64 -7.03 -2.54 3.42
CA PHE A 64 -6.67 -1.21 3.91
C PHE A 64 -6.20 -0.31 2.77
N HIS A 65 -5.33 -0.85 1.92
CA HIS A 65 -4.80 -0.10 0.80
C HIS A 65 -5.94 0.51 -0.03
N GLU A 66 -7.05 -0.22 -0.12
CA GLU A 66 -8.20 0.26 -0.88
C GLU A 66 -9.03 1.24 -0.06
N PHE A 67 -9.11 0.99 1.24
CA PHE A 67 -9.87 1.85 2.15
C PHE A 67 -8.94 2.77 2.94
N MET A 68 -7.90 3.26 2.27
CA MET A 68 -6.94 4.14 2.91
C MET A 68 -7.28 5.61 2.65
N ASP A 69 -8.56 5.88 2.42
CA ASP A 69 -9.01 7.23 2.16
C ASP A 69 -8.73 8.14 3.35
N PHE A 70 -9.10 7.68 4.54
CA PHE A 70 -8.89 8.46 5.76
C PHE A 70 -7.62 8.01 6.47
N GLU A 71 -6.54 8.77 6.29
CA GLU A 71 -5.26 8.45 6.91
C GLU A 71 -4.24 9.55 6.65
N LEU A 72 -3.27 9.68 7.55
CA LEU A 72 -2.24 10.69 7.42
C LEU A 72 -0.85 10.05 7.31
N ASP A 73 0.18 10.87 7.22
CA ASP A 73 1.54 10.39 7.10
C ASP A 73 2.47 11.15 8.05
N LYS A 74 2.98 10.45 9.06
CA LYS A 74 3.88 11.06 10.02
C LYS A 74 5.31 10.54 9.85
N ASN A 75 5.96 10.99 8.79
CA ASN A 75 7.34 10.57 8.51
C ASN A 75 8.24 10.81 9.72
N LYS A 76 8.93 9.76 10.15
CA LYS A 76 9.82 9.84 11.30
C LYS A 76 11.13 10.52 10.91
N GLU A 77 11.99 9.78 10.23
CA GLU A 77 13.28 10.31 9.80
C GLU A 77 13.75 9.64 8.51
N VAL A 78 14.65 10.30 7.79
CA VAL A 78 15.17 9.78 6.54
C VAL A 78 16.66 9.49 6.65
N ILE A 79 17.11 8.43 5.97
CA ILE A 79 18.51 8.06 5.99
C ILE A 79 19.06 7.88 4.58
N ASP A 80 20.35 8.13 4.42
CA ASP A 80 20.99 8.00 3.11
C ASP A 80 21.81 6.72 3.03
N LYS A 81 22.43 6.49 1.88
CA LYS A 81 23.24 5.30 1.67
C LYS A 81 24.53 5.63 0.92
N ARG A 82 25.62 4.99 1.32
CA ARG A 82 26.91 5.23 0.67
C ARG A 82 27.11 4.28 -0.50
N LYS A 83 27.68 4.82 -1.59
CA LYS A 83 27.93 4.03 -2.79
C LYS A 83 28.76 2.80 -2.47
N GLY A 84 28.36 1.65 -3.01
CA GLY A 84 29.08 0.42 -2.77
C GLY A 84 30.43 0.39 -3.46
N GLY A 1 -34.24 14.36 1.98
CA GLY A 1 -33.15 13.79 1.21
C GLY A 1 -33.07 12.28 1.35
N PRO A 2 -32.09 11.67 0.67
CA PRO A 2 -31.89 10.22 0.71
C PRO A 2 -31.39 9.73 2.05
N LEU A 3 -32.33 9.42 2.95
CA LEU A 3 -31.98 8.94 4.28
C LEU A 3 -31.11 7.69 4.20
N GLY A 4 -29.86 7.81 4.63
CA GLY A 4 -28.95 6.67 4.60
C GLY A 4 -27.56 7.06 4.16
N SER A 5 -26.79 6.08 3.70
CA SER A 5 -25.43 6.33 3.24
C SER A 5 -25.26 5.92 1.78
N PRO A 6 -24.22 6.45 1.13
CA PRO A 6 -23.93 6.15 -0.27
C PRO A 6 -23.45 4.72 -0.48
N GLU A 7 -24.27 3.93 -1.17
CA GLU A 7 -23.93 2.53 -1.43
C GLU A 7 -22.67 2.43 -2.30
N PHE A 8 -21.82 1.46 -1.99
CA PHE A 8 -20.59 1.25 -2.73
C PHE A 8 -20.82 0.33 -3.93
N SER A 9 -20.54 0.84 -5.12
CA SER A 9 -20.72 0.06 -6.34
C SER A 9 -19.81 -1.16 -6.35
N TYR A 10 -19.78 -1.86 -7.48
CA TYR A 10 -18.96 -3.05 -7.61
C TYR A 10 -17.66 -2.73 -8.34
N PHE A 11 -16.70 -3.66 -8.26
CA PHE A 11 -15.41 -3.47 -8.92
C PHE A 11 -15.15 -4.58 -9.93
N ALA A 12 -14.29 -4.29 -10.90
CA ALA A 12 -13.96 -5.27 -11.94
C ALA A 12 -12.90 -6.26 -11.44
N LYS A 13 -12.46 -7.14 -12.33
CA LYS A 13 -11.46 -8.14 -11.99
C LYS A 13 -10.11 -7.78 -12.61
N ILE A 14 -9.43 -6.79 -12.03
CA ILE A 14 -8.12 -6.36 -12.53
C ILE A 14 -7.40 -5.51 -11.49
N GLN A 15 -6.09 -5.67 -11.42
CA GLN A 15 -5.28 -4.91 -10.48
C GLN A 15 -4.21 -4.10 -11.21
N PRO A 16 -4.59 -2.92 -11.70
CA PRO A 16 -3.69 -2.01 -12.43
C PRO A 16 -2.64 -1.40 -11.51
N HIS A 17 -2.95 -1.33 -10.23
CA HIS A 17 -2.02 -0.76 -9.26
C HIS A 17 -0.67 -1.47 -9.37
N THR A 18 0.39 -0.66 -9.42
CA THR A 18 1.75 -1.18 -9.53
C THR A 18 2.48 -1.09 -8.18
N PHE A 19 2.69 -2.25 -7.57
CA PHE A 19 3.38 -2.30 -6.28
C PHE A 19 4.89 -2.39 -6.47
N ILE A 20 5.61 -1.49 -5.80
CA ILE A 20 7.06 -1.46 -5.90
C ILE A 20 7.70 -1.45 -4.52
N GLU A 21 8.94 -1.93 -4.44
CA GLU A 21 9.66 -1.98 -3.18
C GLU A 21 10.41 -0.67 -2.93
N GLY A 22 10.15 -0.06 -1.78
CA GLY A 22 10.79 1.20 -1.44
C GLY A 22 12.25 1.01 -1.06
N GLU A 23 12.70 1.76 -0.06
CA GLU A 23 14.09 1.68 0.40
C GLU A 23 14.15 1.57 1.92
N GLU A 24 13.64 2.59 2.60
CA GLU A 24 13.64 2.61 4.06
C GLU A 24 12.71 1.53 4.62
N ILE A 25 13.16 0.84 5.66
CA ILE A 25 12.37 -0.20 6.29
C ILE A 25 11.36 0.37 7.27
N VAL A 26 10.09 0.03 7.10
CA VAL A 26 9.03 0.51 7.97
C VAL A 26 8.30 -0.64 8.64
N LYS A 27 7.96 -0.45 9.92
CA LYS A 27 7.25 -1.48 10.67
C LYS A 27 5.75 -1.23 10.65
N CYS A 28 4.99 -2.26 10.26
CA CYS A 28 3.54 -2.15 10.19
C CYS A 28 2.93 -2.18 11.59
N SER A 29 1.78 -1.52 11.75
CA SER A 29 1.10 -1.47 13.04
C SER A 29 0.27 -2.73 13.27
N GLU A 30 -0.22 -3.32 12.18
CA GLU A 30 -1.02 -4.53 12.26
C GLU A 30 -0.16 -5.77 12.06
N CYS A 31 0.61 -5.78 10.98
CA CYS A 31 1.48 -6.91 10.66
C CYS A 31 2.66 -6.97 11.62
N GLY A 32 3.13 -5.79 12.04
CA GLY A 32 4.26 -5.73 12.95
C GLY A 32 5.47 -6.48 12.43
N ASN A 33 5.91 -6.13 11.22
CA ASN A 33 7.07 -6.78 10.62
C ASN A 33 7.84 -5.79 9.74
N GLU A 34 9.14 -6.06 9.58
CA GLU A 34 9.99 -5.19 8.77
C GLU A 34 9.67 -5.35 7.29
N THR A 35 9.23 -4.26 6.67
CA THR A 35 8.88 -4.28 5.25
C THR A 35 8.98 -2.88 4.65
N LYS A 36 9.20 -2.83 3.34
CA LYS A 36 9.31 -1.55 2.64
C LYS A 36 8.67 -1.63 1.26
N VAL A 37 7.36 -1.38 1.20
CA VAL A 37 6.64 -1.42 -0.06
C VAL A 37 5.86 -0.13 -0.28
N PHE A 38 5.66 0.23 -1.54
CA PHE A 38 4.94 1.44 -1.90
C PHE A 38 4.29 1.32 -3.27
N CYS A 39 3.03 1.69 -3.36
CA CYS A 39 2.29 1.61 -4.62
C CYS A 39 2.59 2.83 -5.50
N GLN A 40 3.11 2.59 -6.69
CA GLN A 40 3.45 3.66 -7.62
C GLN A 40 2.18 4.33 -8.15
N GLU A 41 1.24 3.50 -8.60
CA GLU A 41 -0.02 4.03 -9.14
C GLU A 41 -0.68 4.98 -8.16
N CYS A 42 -0.53 4.70 -6.86
CA CYS A 42 -1.11 5.55 -5.83
C CYS A 42 -0.18 6.72 -5.50
N THR A 43 1.09 6.41 -5.25
CA THR A 43 2.07 7.43 -4.92
C THR A 43 2.04 8.56 -5.93
N ILE A 44 1.71 8.24 -7.17
CA ILE A 44 1.65 9.23 -8.23
C ILE A 44 0.37 10.07 -8.13
N LEU A 45 -0.76 9.39 -7.95
CA LEU A 45 -2.05 10.06 -7.84
C LEU A 45 -2.10 10.92 -6.57
N LYS A 46 -1.85 10.29 -5.42
CA LYS A 46 -1.86 11.00 -4.16
C LYS A 46 -0.65 11.92 -4.03
N ALA A 47 0.41 11.60 -4.76
CA ALA A 47 1.63 12.39 -4.73
C ALA A 47 2.33 12.29 -3.38
N GLU A 48 2.30 11.09 -2.80
CA GLU A 48 2.93 10.86 -1.50
C GLU A 48 3.38 9.40 -1.38
N VAL A 49 4.46 9.20 -0.63
CA VAL A 49 5.00 7.85 -0.42
C VAL A 49 4.11 7.04 0.51
N VAL A 50 3.45 6.03 -0.05
CA VAL A 50 2.57 5.16 0.74
C VAL A 50 3.30 3.91 1.21
N GLY A 51 2.78 3.30 2.26
CA GLY A 51 3.40 2.09 2.79
C GLY A 51 2.51 0.87 2.62
N LEU A 52 3.12 -0.24 2.21
CA LEU A 52 2.39 -1.48 2.01
C LEU A 52 3.20 -2.68 2.49
N CYS A 53 2.57 -3.85 2.50
CA CYS A 53 3.24 -5.08 2.93
C CYS A 53 3.19 -6.13 1.83
N HIS A 54 4.31 -6.83 1.64
CA HIS A 54 4.39 -7.87 0.63
C HIS A 54 3.37 -8.97 0.88
N GLU A 55 2.91 -9.07 2.11
CA GLU A 55 1.91 -10.07 2.49
C GLU A 55 0.52 -9.66 2.01
N LYS A 56 0.44 -8.49 1.40
CA LYS A 56 -0.83 -7.97 0.90
C LYS A 56 -1.58 -9.05 0.11
N ASP A 57 -0.83 -9.89 -0.57
CA ASP A 57 -1.42 -10.97 -1.38
C ASP A 57 -2.44 -11.75 -0.55
N THR A 58 -2.15 -11.93 0.73
CA THR A 58 -3.03 -12.66 1.62
C THR A 58 -2.91 -12.16 3.06
N ILE A 59 -3.55 -11.05 3.35
CA ILE A 59 -3.52 -10.47 4.70
C ILE A 59 -4.48 -9.30 4.81
N LYS A 60 -4.91 -9.02 6.04
CA LYS A 60 -5.85 -7.92 6.30
C LYS A 60 -5.28 -6.61 5.77
N CYS A 61 -3.96 -6.47 5.81
CA CYS A 61 -3.30 -5.25 5.34
C CYS A 61 -3.81 -4.87 3.94
N GLN A 62 -4.15 -5.87 3.15
CA GLN A 62 -4.65 -5.64 1.80
C GLN A 62 -5.78 -4.61 1.81
N ARG A 63 -6.71 -4.77 2.73
CA ARG A 63 -7.84 -3.85 2.84
C ARG A 63 -7.36 -2.42 3.00
N PHE A 64 -6.24 -2.25 3.69
CA PHE A 64 -5.68 -0.92 3.91
C PHE A 64 -5.46 -0.20 2.58
N HIS A 65 -4.86 -0.90 1.62
CA HIS A 65 -4.60 -0.32 0.31
C HIS A 65 -5.85 0.31 -0.27
N GLU A 66 -6.95 -0.44 -0.27
CA GLU A 66 -8.21 0.06 -0.79
C GLU A 66 -8.80 1.14 0.12
N PHE A 67 -8.62 0.96 1.42
CA PHE A 67 -9.13 1.91 2.40
C PHE A 67 -8.07 2.93 2.78
N MET A 68 -7.29 3.36 1.80
CA MET A 68 -6.23 4.34 2.02
C MET A 68 -6.81 5.70 2.35
N ASP A 69 -7.93 6.03 1.71
CA ASP A 69 -8.59 7.32 1.93
C ASP A 69 -9.18 7.39 3.33
N PHE A 70 -9.68 6.26 3.82
CA PHE A 70 -10.28 6.20 5.15
C PHE A 70 -9.29 6.65 6.21
N GLU A 71 -9.74 6.72 7.46
CA GLU A 71 -8.91 7.14 8.57
C GLU A 71 -7.87 6.05 8.90
N LEU A 72 -6.80 6.46 9.58
CA LEU A 72 -5.75 5.54 9.96
C LEU A 72 -5.72 5.33 11.47
N ASP A 73 -5.94 6.42 12.22
CA ASP A 73 -5.95 6.37 13.67
C ASP A 73 -6.90 5.29 14.16
N LYS A 74 -6.37 4.34 14.93
CA LYS A 74 -7.17 3.25 15.47
C LYS A 74 -6.96 3.10 16.97
N ASN A 75 -5.71 2.83 17.37
CA ASN A 75 -5.37 2.67 18.78
C ASN A 75 -5.50 4.00 19.51
N LYS A 76 -5.30 3.96 20.83
CA LYS A 76 -5.39 5.16 21.66
C LYS A 76 -4.04 5.49 22.27
N GLU A 77 -3.04 5.70 21.42
CA GLU A 77 -1.70 6.04 21.88
C GLU A 77 -1.47 7.54 21.87
N VAL A 78 -0.48 8.00 22.62
CA VAL A 78 -0.17 9.42 22.70
C VAL A 78 1.27 9.69 22.26
N ILE A 79 1.46 10.76 21.49
CA ILE A 79 2.79 11.13 21.01
C ILE A 79 3.11 12.58 21.34
N ASP A 80 4.39 12.87 21.51
CA ASP A 80 4.84 14.22 21.82
C ASP A 80 4.81 15.11 20.58
N LYS A 81 4.07 16.21 20.67
CA LYS A 81 3.95 17.14 19.55
C LYS A 81 4.31 18.56 19.99
N ARG A 82 5.11 19.24 19.18
CA ARG A 82 5.53 20.61 19.49
C ARG A 82 5.49 21.48 18.23
N LYS A 83 5.01 22.70 18.38
CA LYS A 83 4.91 23.63 17.25
C LYS A 83 4.69 25.05 17.75
N GLY A 84 5.49 25.99 17.25
CA GLY A 84 5.37 27.37 17.66
C GLY A 84 4.27 28.10 16.90
N GLY A 1 19.21 -3.04 9.70
CA GLY A 1 19.36 -4.28 8.96
C GLY A 1 20.38 -4.18 7.85
N PRO A 2 20.55 -5.27 7.09
CA PRO A 2 21.52 -5.32 5.99
C PRO A 2 21.08 -4.46 4.81
N LEU A 3 21.74 -3.32 4.65
CA LEU A 3 21.43 -2.40 3.57
C LEU A 3 21.56 -3.09 2.21
N GLY A 4 20.76 -2.65 1.24
CA GLY A 4 20.80 -3.23 -0.08
C GLY A 4 19.88 -4.44 -0.20
N SER A 5 19.13 -4.50 -1.30
CA SER A 5 18.21 -5.61 -1.53
C SER A 5 17.78 -5.65 -3.00
N PRO A 6 18.72 -6.00 -3.88
CA PRO A 6 18.45 -6.09 -5.32
C PRO A 6 17.54 -7.25 -5.68
N GLU A 7 16.26 -6.96 -5.90
CA GLU A 7 15.30 -7.99 -6.24
C GLU A 7 14.23 -7.45 -7.19
N PHE A 8 13.55 -8.35 -7.89
CA PHE A 8 12.51 -7.96 -8.83
C PHE A 8 11.76 -9.17 -9.35
N SER A 9 10.43 -9.08 -9.40
CA SER A 9 9.60 -10.17 -9.87
C SER A 9 8.77 -9.74 -11.07
N TYR A 10 9.18 -10.18 -12.26
CA TYR A 10 8.48 -9.84 -13.49
C TYR A 10 7.70 -11.05 -14.03
N PHE A 11 6.39 -11.05 -13.79
CA PHE A 11 5.55 -12.14 -14.25
C PHE A 11 4.36 -11.60 -15.04
N ALA A 12 3.62 -12.51 -15.67
CA ALA A 12 2.46 -12.12 -16.47
C ALA A 12 1.21 -12.02 -15.60
N LYS A 13 0.76 -10.79 -15.37
CA LYS A 13 -0.43 -10.54 -14.56
C LYS A 13 -0.82 -9.07 -14.59
N ILE A 14 -2.11 -8.81 -14.45
CA ILE A 14 -2.62 -7.44 -14.46
C ILE A 14 -3.41 -7.14 -13.19
N GLN A 15 -3.15 -5.98 -12.60
CA GLN A 15 -3.84 -5.57 -11.38
C GLN A 15 -4.17 -4.09 -11.41
N PRO A 16 -5.14 -3.67 -10.57
CA PRO A 16 -5.55 -2.27 -10.49
C PRO A 16 -4.49 -1.38 -9.86
N HIS A 17 -3.66 -1.97 -9.02
CA HIS A 17 -2.61 -1.22 -8.36
C HIS A 17 -1.27 -1.92 -8.56
N THR A 18 -0.20 -1.12 -8.61
CA THR A 18 1.14 -1.64 -8.81
C THR A 18 1.94 -1.59 -7.51
N PHE A 19 2.36 -2.76 -7.04
CA PHE A 19 3.14 -2.85 -5.81
C PHE A 19 4.63 -2.95 -6.12
N ILE A 20 5.41 -2.05 -5.53
CA ILE A 20 6.85 -2.04 -5.74
C ILE A 20 7.60 -1.99 -4.41
N GLU A 21 8.81 -2.53 -4.40
CA GLU A 21 9.64 -2.54 -3.19
C GLU A 21 10.48 -1.27 -3.10
N GLY A 22 10.33 -0.55 -2.00
CA GLY A 22 11.09 0.68 -1.79
C GLY A 22 12.33 0.46 -0.97
N GLU A 23 12.83 1.54 -0.37
CA GLU A 23 14.03 1.46 0.46
C GLU A 23 13.71 1.75 1.92
N GLU A 24 12.89 2.76 2.15
CA GLU A 24 12.49 3.14 3.51
C GLU A 24 11.97 1.94 4.27
N ILE A 25 12.36 1.83 5.54
CA ILE A 25 11.94 0.72 6.39
C ILE A 25 10.65 1.08 7.13
N VAL A 26 9.54 0.45 6.71
CA VAL A 26 8.26 0.69 7.34
C VAL A 26 7.73 -0.57 8.03
N LYS A 27 7.12 -0.39 9.19
CA LYS A 27 6.58 -1.52 9.94
C LYS A 27 5.05 -1.50 9.93
N CYS A 28 4.46 -2.52 9.34
CA CYS A 28 3.01 -2.63 9.26
C CYS A 28 2.37 -2.48 10.63
N SER A 29 1.14 -1.98 10.67
CA SER A 29 0.43 -1.80 11.92
C SER A 29 -0.10 -3.13 12.45
N GLU A 30 -0.34 -4.06 11.53
CA GLU A 30 -0.86 -5.38 11.90
C GLU A 30 0.27 -6.42 11.90
N CYS A 31 0.99 -6.48 10.80
CA CYS A 31 2.10 -7.44 10.67
C CYS A 31 3.27 -7.03 11.55
N GLY A 32 3.48 -5.72 11.70
CA GLY A 32 4.57 -5.23 12.51
C GLY A 32 5.90 -5.88 12.18
N ASN A 33 6.31 -5.75 10.92
CA ASN A 33 7.56 -6.33 10.46
C ASN A 33 8.27 -5.39 9.50
N GLU A 34 9.60 -5.39 9.55
CA GLU A 34 10.41 -4.54 8.68
C GLU A 34 10.22 -4.93 7.22
N THR A 35 9.70 -3.98 6.42
CA THR A 35 9.47 -4.23 5.01
C THR A 35 9.50 -2.93 4.22
N LYS A 36 10.02 -3.00 3.00
CA LYS A 36 10.10 -1.82 2.14
C LYS A 36 9.18 -1.96 0.94
N VAL A 37 7.92 -1.56 1.10
CA VAL A 37 6.94 -1.64 0.03
C VAL A 37 6.27 -0.29 -0.20
N PHE A 38 5.84 -0.05 -1.44
CA PHE A 38 5.19 1.20 -1.79
C PHE A 38 4.44 1.07 -3.11
N CYS A 39 3.20 1.57 -3.13
CA CYS A 39 2.38 1.50 -4.33
C CYS A 39 2.63 2.71 -5.23
N GLN A 40 3.06 2.45 -6.46
CA GLN A 40 3.33 3.52 -7.41
C GLN A 40 2.05 4.24 -7.82
N GLU A 41 1.03 3.45 -8.17
CA GLU A 41 -0.25 4.02 -8.57
C GLU A 41 -0.76 5.01 -7.54
N CYS A 42 -0.52 4.72 -6.27
CA CYS A 42 -0.95 5.58 -5.18
C CYS A 42 0.05 6.71 -4.95
N THR A 43 1.33 6.36 -4.92
CA THR A 43 2.38 7.35 -4.71
C THR A 43 2.26 8.50 -5.70
N ILE A 44 1.80 8.20 -6.91
CA ILE A 44 1.64 9.20 -7.94
C ILE A 44 0.35 9.99 -7.75
N LEU A 45 -0.78 9.28 -7.82
CA LEU A 45 -2.08 9.91 -7.65
C LEU A 45 -2.13 10.75 -6.37
N LYS A 46 -1.82 10.12 -5.25
CA LYS A 46 -1.81 10.80 -3.96
C LYS A 46 -0.63 11.76 -3.86
N ALA A 47 0.43 11.46 -4.59
CA ALA A 47 1.62 12.29 -4.59
C ALA A 47 2.33 12.24 -3.24
N GLU A 48 2.32 11.06 -2.62
CA GLU A 48 2.95 10.88 -1.31
C GLU A 48 3.39 9.43 -1.13
N VAL A 49 4.64 9.25 -0.71
CA VAL A 49 5.18 7.91 -0.48
C VAL A 49 4.33 7.13 0.52
N VAL A 50 3.78 6.00 0.08
CA VAL A 50 2.96 5.18 0.94
C VAL A 50 3.72 3.95 1.43
N GLY A 51 3.27 3.37 2.53
CA GLY A 51 3.93 2.19 3.07
C GLY A 51 3.03 0.98 3.09
N LEU A 52 3.58 -0.16 2.70
CA LEU A 52 2.82 -1.41 2.66
C LEU A 52 3.67 -2.58 3.16
N CYS A 53 3.03 -3.74 3.30
CA CYS A 53 3.72 -4.94 3.77
C CYS A 53 3.73 -6.01 2.68
N HIS A 54 4.79 -6.81 2.65
CA HIS A 54 4.92 -7.88 1.66
C HIS A 54 3.74 -8.84 1.74
N GLU A 55 3.07 -8.84 2.90
CA GLU A 55 1.93 -9.72 3.10
C GLU A 55 0.72 -9.23 2.30
N LYS A 56 0.86 -8.09 1.65
CA LYS A 56 -0.21 -7.51 0.85
C LYS A 56 -0.84 -8.55 -0.06
N ASP A 57 -0.02 -9.51 -0.51
CA ASP A 57 -0.49 -10.57 -1.39
C ASP A 57 -1.74 -11.23 -0.82
N THR A 58 -1.67 -11.68 0.43
CA THR A 58 -2.79 -12.33 1.08
C THR A 58 -2.92 -11.87 2.53
N ILE A 59 -3.62 -10.77 2.75
CA ILE A 59 -3.82 -10.25 4.09
C ILE A 59 -4.88 -9.15 4.11
N LYS A 60 -5.51 -8.96 5.26
CA LYS A 60 -6.55 -7.95 5.40
C LYS A 60 -5.98 -6.55 5.21
N CYS A 61 -4.67 -6.41 5.42
CA CYS A 61 -4.00 -5.12 5.26
C CYS A 61 -4.39 -4.47 3.94
N GLN A 62 -4.63 -5.29 2.93
CA GLN A 62 -5.02 -4.79 1.61
C GLN A 62 -6.16 -3.80 1.71
N ARG A 63 -7.08 -4.06 2.65
CA ARG A 63 -8.23 -3.18 2.84
C ARG A 63 -7.78 -1.76 3.16
N PHE A 64 -6.75 -1.64 3.99
CA PHE A 64 -6.22 -0.34 4.36
C PHE A 64 -5.72 0.44 3.14
N HIS A 65 -5.01 -0.28 2.26
CA HIS A 65 -4.47 0.34 1.05
C HIS A 65 -5.57 1.07 0.28
N GLU A 66 -6.78 0.54 0.32
CA GLU A 66 -7.91 1.14 -0.37
C GLU A 66 -8.34 2.43 0.31
N PHE A 67 -8.69 2.33 1.59
CA PHE A 67 -9.12 3.49 2.36
C PHE A 67 -7.95 4.11 3.11
N MET A 68 -6.79 4.17 2.45
CA MET A 68 -5.59 4.75 3.05
C MET A 68 -5.88 6.13 3.62
N ASP A 69 -6.10 7.09 2.73
CA ASP A 69 -6.39 8.46 3.14
C ASP A 69 -7.06 9.24 2.01
N PHE A 70 -8.06 10.04 2.37
CA PHE A 70 -8.78 10.85 1.39
C PHE A 70 -8.94 12.29 1.86
N GLU A 71 -7.91 12.79 2.55
CA GLU A 71 -7.94 14.15 3.07
C GLU A 71 -6.54 14.76 3.04
N LEU A 72 -6.45 16.04 3.41
CA LEU A 72 -5.17 16.74 3.43
C LEU A 72 -4.13 15.94 4.21
N ASP A 73 -2.87 16.35 4.09
CA ASP A 73 -1.78 15.68 4.79
C ASP A 73 -0.69 16.67 5.16
N LYS A 74 -0.04 16.44 6.31
CA LYS A 74 1.02 17.31 6.78
C LYS A 74 2.07 17.52 5.70
N ASN A 75 2.37 16.46 4.95
CA ASN A 75 3.36 16.52 3.89
C ASN A 75 3.04 17.66 2.92
N LYS A 76 4.05 18.47 2.61
CA LYS A 76 3.89 19.59 1.70
C LYS A 76 4.85 19.49 0.52
N GLU A 77 5.13 18.26 0.11
CA GLU A 77 6.04 18.03 -1.01
C GLU A 77 5.59 18.80 -2.25
N VAL A 78 6.55 19.23 -3.05
CA VAL A 78 6.25 19.97 -4.27
C VAL A 78 6.15 19.04 -5.47
N ILE A 79 5.12 19.24 -6.29
CA ILE A 79 4.91 18.42 -7.48
C ILE A 79 4.60 19.29 -8.70
N ASP A 80 4.47 18.64 -9.85
CA ASP A 80 4.18 19.34 -11.09
C ASP A 80 3.03 18.67 -11.84
N LYS A 81 1.98 18.29 -11.12
CA LYS A 81 0.83 17.64 -11.71
C LYS A 81 -0.47 18.20 -11.13
N ARG A 82 -1.43 18.47 -12.01
CA ARG A 82 -2.72 19.01 -11.60
C ARG A 82 -3.87 18.15 -12.12
N LYS A 83 -3.96 18.02 -13.43
CA LYS A 83 -5.00 17.23 -14.06
C LYS A 83 -4.40 16.07 -14.87
N GLY A 84 -3.40 15.42 -14.28
CA GLY A 84 -2.76 14.30 -14.96
C GLY A 84 -1.91 14.74 -16.13
N GLY A 1 1.66 -29.97 12.38
CA GLY A 1 2.66 -31.02 12.19
C GLY A 1 4.07 -30.48 12.15
N PRO A 2 5.05 -31.38 11.96
CA PRO A 2 6.46 -31.00 11.89
C PRO A 2 6.81 -30.24 10.63
N LEU A 3 6.14 -30.57 9.53
CA LEU A 3 6.37 -29.90 8.26
C LEU A 3 5.21 -28.98 7.91
N GLY A 4 5.54 -27.73 7.56
CA GLY A 4 4.52 -26.77 7.21
C GLY A 4 4.49 -26.46 5.73
N SER A 5 3.32 -26.61 5.11
CA SER A 5 3.18 -26.35 3.68
C SER A 5 1.71 -26.31 3.28
N PRO A 6 1.02 -25.22 3.66
CA PRO A 6 -0.40 -25.03 3.36
C PRO A 6 -0.64 -24.78 1.88
N GLU A 7 -1.88 -24.43 1.54
CA GLU A 7 -2.25 -24.16 0.16
C GLU A 7 -1.77 -22.78 -0.28
N PHE A 8 -2.04 -22.43 -1.53
CA PHE A 8 -1.63 -21.13 -2.07
C PHE A 8 -2.38 -20.83 -3.37
N SER A 9 -2.73 -19.56 -3.55
CA SER A 9 -3.46 -19.14 -4.74
C SER A 9 -2.54 -19.14 -5.96
N TYR A 10 -3.10 -18.80 -7.12
CA TYR A 10 -2.33 -18.77 -8.36
C TYR A 10 -1.80 -17.37 -8.63
N PHE A 11 -2.64 -16.36 -8.40
CA PHE A 11 -2.25 -14.98 -8.62
C PHE A 11 -1.96 -14.72 -10.11
N ALA A 12 -2.88 -14.02 -10.76
CA ALA A 12 -2.74 -13.70 -12.18
C ALA A 12 -1.40 -13.01 -12.44
N LYS A 13 -1.08 -12.82 -13.72
CA LYS A 13 0.16 -12.18 -14.11
C LYS A 13 -0.06 -10.70 -14.42
N ILE A 14 -0.95 -10.06 -13.66
CA ILE A 14 -1.25 -8.66 -13.85
C ILE A 14 -2.22 -8.16 -12.78
N GLN A 15 -2.02 -6.91 -12.35
CA GLN A 15 -2.88 -6.31 -11.34
C GLN A 15 -3.17 -4.84 -11.66
N PRO A 16 -4.24 -4.30 -11.06
CA PRO A 16 -4.65 -2.92 -11.27
C PRO A 16 -3.68 -1.92 -10.64
N HIS A 17 -2.96 -2.38 -9.61
CA HIS A 17 -2.00 -1.52 -8.94
C HIS A 17 -0.61 -2.15 -9.03
N THR A 18 0.38 -1.27 -9.13
CA THR A 18 1.78 -1.71 -9.23
C THR A 18 2.45 -1.70 -7.85
N PHE A 19 2.83 -2.87 -7.37
CA PHE A 19 3.48 -2.99 -6.08
C PHE A 19 5.00 -3.01 -6.23
N ILE A 20 5.65 -1.93 -5.81
CA ILE A 20 7.09 -1.82 -5.90
C ILE A 20 7.74 -1.84 -4.51
N GLU A 21 8.99 -2.29 -4.45
CA GLU A 21 9.71 -2.35 -3.20
C GLU A 21 10.57 -1.11 -3.00
N GLY A 22 10.38 -0.44 -1.85
CA GLY A 22 11.15 0.75 -1.56
C GLY A 22 12.53 0.44 -1.03
N GLU A 23 13.14 1.42 -0.37
CA GLU A 23 14.48 1.24 0.19
C GLU A 23 14.47 1.44 1.70
N GLU A 24 13.65 2.38 2.16
CA GLU A 24 13.54 2.68 3.58
C GLU A 24 12.70 1.62 4.30
N ILE A 25 13.15 1.22 5.48
CA ILE A 25 12.43 0.21 6.26
C ILE A 25 11.20 0.81 6.93
N VAL A 26 10.02 0.46 6.43
CA VAL A 26 8.77 0.96 6.98
C VAL A 26 8.02 -0.14 7.72
N LYS A 27 7.40 0.22 8.84
CA LYS A 27 6.65 -0.74 9.64
C LYS A 27 5.15 -0.58 9.41
N CYS A 28 4.52 -1.64 8.92
CA CYS A 28 3.08 -1.62 8.64
C CYS A 28 2.30 -1.25 9.90
N SER A 29 1.32 -0.36 9.73
CA SER A 29 0.50 0.08 10.85
C SER A 29 -0.78 -0.74 10.94
N GLU A 30 -0.73 -1.98 10.43
CA GLU A 30 -1.88 -2.86 10.45
C GLU A 30 -1.52 -4.22 11.02
N CYS A 31 -0.39 -4.77 10.57
CA CYS A 31 0.08 -6.06 11.04
C CYS A 31 1.39 -5.93 11.79
N GLY A 32 2.20 -4.95 11.39
CA GLY A 32 3.47 -4.73 12.05
C GLY A 32 4.55 -5.68 11.55
N ASN A 33 5.31 -5.24 10.56
CA ASN A 33 6.37 -6.07 9.99
C ASN A 33 7.36 -5.21 9.20
N GLU A 34 8.64 -5.28 9.56
CA GLU A 34 9.66 -4.51 8.88
C GLU A 34 9.75 -4.90 7.40
N THR A 35 9.37 -3.97 6.54
CA THR A 35 9.39 -4.21 5.10
C THR A 35 9.52 -2.90 4.32
N LYS A 36 9.81 -3.01 3.03
CA LYS A 36 9.95 -1.84 2.18
C LYS A 36 9.10 -1.96 0.92
N VAL A 37 7.83 -1.58 1.04
CA VAL A 37 6.91 -1.64 -0.09
C VAL A 37 6.21 -0.30 -0.31
N PHE A 38 5.82 -0.05 -1.56
CA PHE A 38 5.14 1.19 -1.90
C PHE A 38 4.46 1.08 -3.27
N CYS A 39 3.21 1.49 -3.33
CA CYS A 39 2.45 1.44 -4.58
C CYS A 39 2.63 2.73 -5.39
N GLN A 40 3.15 2.58 -6.60
CA GLN A 40 3.39 3.72 -7.47
C GLN A 40 2.07 4.41 -7.83
N GLU A 41 1.12 3.63 -8.32
CA GLU A 41 -0.18 4.16 -8.71
C GLU A 41 -0.76 5.04 -7.59
N CYS A 42 -0.49 4.66 -6.34
CA CYS A 42 -0.98 5.40 -5.19
C CYS A 42 -0.04 6.56 -4.85
N THR A 43 1.25 6.33 -5.03
CA THR A 43 2.25 7.35 -4.74
C THR A 43 1.96 8.64 -5.49
N ILE A 44 1.72 8.52 -6.80
CA ILE A 44 1.44 9.68 -7.63
C ILE A 44 0.05 10.23 -7.33
N LEU A 45 -0.96 9.37 -7.41
CA LEU A 45 -2.34 9.75 -7.14
C LEU A 45 -2.45 10.50 -5.82
N LYS A 46 -1.99 9.87 -4.74
CA LYS A 46 -2.03 10.47 -3.42
C LYS A 46 -0.98 11.57 -3.29
N ALA A 47 0.02 11.53 -4.16
CA ALA A 47 1.09 12.52 -4.15
C ALA A 47 1.95 12.39 -2.89
N GLU A 48 2.14 11.15 -2.45
CA GLU A 48 2.94 10.88 -1.27
C GLU A 48 3.34 9.40 -1.20
N VAL A 49 4.53 9.15 -0.64
CA VAL A 49 5.02 7.78 -0.52
C VAL A 49 4.14 6.96 0.41
N VAL A 50 3.55 5.89 -0.13
CA VAL A 50 2.68 5.02 0.65
C VAL A 50 3.44 3.79 1.15
N GLY A 51 3.16 3.39 2.39
CA GLY A 51 3.82 2.23 2.96
C GLY A 51 2.93 1.02 3.00
N LEU A 52 3.46 -0.13 2.58
CA LEU A 52 2.70 -1.37 2.55
C LEU A 52 3.58 -2.55 2.97
N CYS A 53 2.95 -3.71 3.13
CA CYS A 53 3.67 -4.92 3.53
C CYS A 53 3.51 -6.02 2.48
N HIS A 54 4.53 -6.84 2.33
CA HIS A 54 4.50 -7.94 1.36
C HIS A 54 3.29 -8.83 1.59
N GLU A 55 2.82 -8.88 2.83
CA GLU A 55 1.67 -9.69 3.18
C GLU A 55 0.41 -9.19 2.48
N LYS A 56 0.49 -7.98 1.93
CA LYS A 56 -0.63 -7.39 1.23
C LYS A 56 -1.29 -8.40 0.28
N ASP A 57 -0.47 -9.27 -0.30
CA ASP A 57 -0.96 -10.28 -1.22
C ASP A 57 -2.15 -11.03 -0.63
N THR A 58 -2.05 -11.36 0.66
CA THR A 58 -3.13 -12.06 1.34
C THR A 58 -3.19 -11.68 2.83
N ILE A 59 -3.74 -10.50 3.10
CA ILE A 59 -3.85 -10.03 4.48
C ILE A 59 -4.84 -8.88 4.58
N LYS A 60 -5.42 -8.70 5.76
CA LYS A 60 -6.38 -7.63 5.99
C LYS A 60 -5.83 -6.29 5.53
N CYS A 61 -4.52 -6.10 5.67
CA CYS A 61 -3.87 -4.86 5.26
C CYS A 61 -4.26 -4.49 3.83
N GLN A 62 -4.46 -5.50 3.00
CA GLN A 62 -4.83 -5.28 1.61
C GLN A 62 -6.04 -4.35 1.50
N ARG A 63 -6.93 -4.44 2.49
CA ARG A 63 -8.12 -3.61 2.52
C ARG A 63 -7.76 -2.13 2.63
N PHE A 64 -6.70 -1.84 3.39
CA PHE A 64 -6.24 -0.47 3.58
C PHE A 64 -5.78 0.14 2.26
N HIS A 65 -5.09 -0.67 1.46
CA HIS A 65 -4.59 -0.21 0.17
C HIS A 65 -5.74 0.22 -0.74
N GLU A 66 -6.85 -0.49 -0.65
CA GLU A 66 -8.02 -0.16 -1.47
C GLU A 66 -8.82 0.98 -0.86
N PHE A 67 -9.07 0.90 0.44
CA PHE A 67 -9.82 1.93 1.15
C PHE A 67 -8.88 2.95 1.79
N MET A 68 -7.81 3.28 1.07
CA MET A 68 -6.83 4.25 1.57
C MET A 68 -7.38 5.67 1.50
N ASP A 69 -8.14 5.95 0.43
CA ASP A 69 -8.72 7.27 0.25
C ASP A 69 -9.54 7.68 1.46
N PHE A 70 -10.73 7.08 1.61
CA PHE A 70 -11.61 7.38 2.73
C PHE A 70 -10.99 6.91 4.05
N GLU A 71 -11.76 7.06 5.12
CA GLU A 71 -11.29 6.65 6.44
C GLU A 71 -10.01 7.39 6.82
N LEU A 72 -10.05 8.71 6.73
CA LEU A 72 -8.89 9.52 7.06
C LEU A 72 -8.61 9.49 8.56
N ASP A 73 -7.62 10.27 8.98
CA ASP A 73 -7.25 10.34 10.39
C ASP A 73 -7.60 11.70 10.99
N LYS A 74 -8.76 12.22 10.62
CA LYS A 74 -9.22 13.52 11.12
C LYS A 74 -8.12 14.57 10.95
N ASN A 75 -7.36 14.46 9.87
CA ASN A 75 -6.29 15.40 9.59
C ASN A 75 -6.83 16.83 9.51
N LYS A 76 -5.91 17.80 9.50
CA LYS A 76 -6.30 19.20 9.43
C LYS A 76 -7.25 19.45 8.26
N GLU A 77 -8.53 19.65 8.58
CA GLU A 77 -9.54 19.89 7.56
C GLU A 77 -9.16 21.07 6.68
N VAL A 78 -9.81 21.19 5.53
CA VAL A 78 -9.54 22.27 4.60
C VAL A 78 -9.64 23.63 5.29
N ILE A 79 -8.67 24.49 5.05
CA ILE A 79 -8.65 25.82 5.65
C ILE A 79 -9.97 26.55 5.40
N ASP A 80 -10.35 27.39 6.35
CA ASP A 80 -11.60 28.15 6.24
C ASP A 80 -11.73 29.13 7.40
N LYS A 81 -12.69 30.06 7.27
CA LYS A 81 -12.92 31.06 8.30
C LYS A 81 -13.11 30.41 9.67
N ARG A 82 -12.13 30.58 10.53
CA ARG A 82 -12.17 30.01 11.88
C ARG A 82 -12.56 31.06 12.91
N LYS A 83 -13.71 30.89 13.52
CA LYS A 83 -14.20 31.82 14.54
C LYS A 83 -13.91 31.30 15.95
N GLY A 84 -14.71 30.33 16.38
CA GLY A 84 -14.52 29.77 17.70
C GLY A 84 -15.40 30.43 18.75
N GLY A 1 -25.91 -25.72 10.67
CA GLY A 1 -24.58 -25.19 10.90
C GLY A 1 -23.66 -25.39 9.71
N PRO A 2 -23.96 -24.70 8.60
CA PRO A 2 -23.16 -24.79 7.37
C PRO A 2 -21.78 -24.15 7.53
N LEU A 3 -20.75 -24.89 7.14
CA LEU A 3 -19.37 -24.41 7.24
C LEU A 3 -18.60 -24.68 5.95
N GLY A 4 -17.78 -23.72 5.54
CA GLY A 4 -17.00 -23.88 4.32
C GLY A 4 -17.17 -22.70 3.38
N SER A 5 -16.11 -22.39 2.65
CA SER A 5 -16.13 -21.27 1.70
C SER A 5 -15.16 -21.51 0.55
N PRO A 6 -15.37 -20.81 -0.57
CA PRO A 6 -14.52 -20.92 -1.76
C PRO A 6 -13.13 -20.35 -1.54
N GLU A 7 -12.11 -21.19 -1.71
CA GLU A 7 -10.73 -20.76 -1.52
C GLU A 7 -10.07 -20.46 -2.87
N PHE A 8 -9.06 -19.59 -2.85
CA PHE A 8 -8.36 -19.22 -4.06
C PHE A 8 -6.89 -19.64 -3.99
N SER A 9 -6.52 -20.62 -4.80
CA SER A 9 -5.15 -21.12 -4.82
C SER A 9 -4.28 -20.30 -5.79
N TYR A 10 -4.84 -19.98 -6.94
CA TYR A 10 -4.13 -19.21 -7.95
C TYR A 10 -4.52 -17.73 -7.87
N PHE A 11 -3.67 -16.93 -7.24
CA PHE A 11 -3.93 -15.50 -7.09
C PHE A 11 -3.99 -14.83 -8.46
N ALA A 12 -4.65 -13.68 -8.52
CA ALA A 12 -4.78 -12.93 -9.76
C ALA A 12 -4.46 -11.45 -9.55
N LYS A 13 -3.36 -10.99 -10.14
CA LYS A 13 -2.95 -9.59 -10.01
C LYS A 13 -3.43 -8.78 -11.21
N ILE A 14 -4.74 -8.66 -11.36
CA ILE A 14 -5.33 -7.91 -12.47
C ILE A 14 -5.79 -6.53 -12.00
N GLN A 15 -5.25 -6.09 -10.87
CA GLN A 15 -5.62 -4.78 -10.32
C GLN A 15 -4.77 -3.68 -10.94
N PRO A 16 -5.33 -2.45 -10.97
CA PRO A 16 -4.64 -1.28 -11.53
C PRO A 16 -3.46 -0.84 -10.67
N HIS A 17 -3.59 -0.97 -9.37
CA HIS A 17 -2.52 -0.58 -8.46
C HIS A 17 -1.33 -1.52 -8.64
N THR A 18 -0.16 -0.91 -8.84
CA THR A 18 1.07 -1.66 -9.03
C THR A 18 1.90 -1.70 -7.75
N PHE A 19 1.90 -2.85 -7.08
CA PHE A 19 2.64 -3.01 -5.85
C PHE A 19 4.14 -3.12 -6.12
N ILE A 20 4.92 -2.24 -5.52
CA ILE A 20 6.37 -2.24 -5.70
C ILE A 20 7.09 -2.25 -4.36
N GLU A 21 8.30 -2.78 -4.35
CA GLU A 21 9.11 -2.85 -3.13
C GLU A 21 10.03 -1.65 -3.03
N GLY A 22 9.94 -0.94 -1.91
CA GLY A 22 10.78 0.24 -1.71
C GLY A 22 12.14 -0.12 -1.16
N GLU A 23 12.77 0.84 -0.49
CA GLU A 23 14.11 0.62 0.09
C GLU A 23 14.10 0.92 1.58
N GLU A 24 13.36 1.95 1.98
CA GLU A 24 13.28 2.35 3.38
C GLU A 24 12.45 1.34 4.18
N ILE A 25 12.88 1.06 5.39
CA ILE A 25 12.18 0.12 6.26
C ILE A 25 11.03 0.80 6.99
N VAL A 26 9.80 0.43 6.64
CA VAL A 26 8.63 1.01 7.28
C VAL A 26 7.92 -0.02 8.16
N LYS A 27 7.43 0.44 9.31
CA LYS A 27 6.73 -0.44 10.25
C LYS A 27 5.22 -0.21 10.18
N CYS A 28 4.50 -1.20 9.68
CA CYS A 28 3.05 -1.11 9.56
C CYS A 28 2.42 -0.77 10.91
N SER A 29 1.45 0.13 10.90
CA SER A 29 0.76 0.53 12.12
C SER A 29 -0.48 -0.31 12.36
N GLU A 30 -0.56 -1.45 11.66
CA GLU A 30 -1.69 -2.36 11.79
C GLU A 30 -1.23 -3.78 12.06
N CYS A 31 -0.12 -4.17 11.43
CA CYS A 31 0.44 -5.49 11.60
C CYS A 31 1.66 -5.48 12.52
N GLY A 32 2.46 -4.42 12.40
CA GLY A 32 3.64 -4.29 13.23
C GLY A 32 4.76 -5.19 12.76
N ASN A 33 5.33 -4.88 11.60
CA ASN A 33 6.42 -5.67 11.04
C ASN A 33 7.30 -4.81 10.14
N GLU A 34 8.52 -5.27 9.91
CA GLU A 34 9.47 -4.55 9.05
C GLU A 34 9.29 -4.95 7.59
N THR A 35 8.97 -3.98 6.74
CA THR A 35 8.78 -4.22 5.32
C THR A 35 9.03 -2.96 4.50
N LYS A 36 9.24 -3.14 3.21
CA LYS A 36 9.49 -2.00 2.31
C LYS A 36 8.61 -2.10 1.06
N VAL A 37 7.39 -1.58 1.16
CA VAL A 37 6.47 -1.60 0.05
C VAL A 37 5.91 -0.21 -0.23
N PHE A 38 5.55 0.04 -1.49
CA PHE A 38 5.00 1.34 -1.89
C PHE A 38 4.22 1.22 -3.19
N CYS A 39 3.02 1.80 -3.21
CA CYS A 39 2.17 1.75 -4.39
C CYS A 39 2.46 2.92 -5.32
N GLN A 40 2.94 2.62 -6.52
CA GLN A 40 3.27 3.66 -7.49
C GLN A 40 2.01 4.40 -7.93
N GLU A 41 0.97 3.65 -8.26
CA GLU A 41 -0.29 4.23 -8.69
C GLU A 41 -0.79 5.28 -7.69
N CYS A 42 -0.54 5.02 -6.41
CA CYS A 42 -0.96 5.94 -5.36
C CYS A 42 0.08 7.03 -5.15
N THR A 43 1.36 6.66 -5.16
CA THR A 43 2.44 7.61 -4.97
C THR A 43 2.29 8.81 -5.90
N ILE A 44 1.74 8.56 -7.09
CA ILE A 44 1.54 9.61 -8.07
C ILE A 44 0.35 10.49 -7.70
N LEU A 45 -0.84 9.89 -7.64
CA LEU A 45 -2.06 10.62 -7.30
C LEU A 45 -1.88 11.38 -5.99
N LYS A 46 -1.46 10.67 -4.94
CA LYS A 46 -1.26 11.28 -3.64
C LYS A 46 -0.01 12.16 -3.65
N ALA A 47 0.92 11.85 -4.53
CA ALA A 47 2.16 12.62 -4.64
C ALA A 47 3.03 12.45 -3.39
N GLU A 48 3.02 11.24 -2.82
CA GLU A 48 3.80 10.96 -1.63
C GLU A 48 4.07 9.46 -1.50
N VAL A 49 5.22 9.12 -0.93
CA VAL A 49 5.61 7.72 -0.75
C VAL A 49 4.73 7.05 0.30
N VAL A 50 3.93 6.09 -0.14
CA VAL A 50 3.05 5.35 0.75
C VAL A 50 3.67 4.03 1.18
N GLY A 51 3.31 3.57 2.37
CA GLY A 51 3.84 2.32 2.88
C GLY A 51 2.83 1.19 2.83
N LEU A 52 3.28 -0.01 2.47
CA LEU A 52 2.40 -1.17 2.39
C LEU A 52 3.08 -2.41 2.97
N CYS A 53 2.32 -3.49 3.08
CA CYS A 53 2.84 -4.73 3.63
C CYS A 53 3.17 -5.72 2.51
N HIS A 54 4.39 -6.24 2.54
CA HIS A 54 4.83 -7.20 1.52
C HIS A 54 3.92 -8.42 1.50
N GLU A 55 3.23 -8.67 2.61
CA GLU A 55 2.33 -9.80 2.71
C GLU A 55 0.99 -9.49 2.05
N LYS A 56 0.87 -8.30 1.49
CA LYS A 56 -0.36 -7.88 0.83
C LYS A 56 -0.86 -8.97 -0.12
N ASP A 57 0.07 -9.69 -0.73
CA ASP A 57 -0.28 -10.76 -1.65
C ASP A 57 -1.32 -11.69 -1.04
N THR A 58 -1.22 -11.91 0.27
CA THR A 58 -2.14 -12.77 0.98
C THR A 58 -2.26 -12.37 2.44
N ILE A 59 -2.98 -11.28 2.69
CA ILE A 59 -3.18 -10.79 4.05
C ILE A 59 -4.28 -9.73 4.10
N LYS A 60 -4.84 -9.53 5.27
CA LYS A 60 -5.90 -8.54 5.46
C LYS A 60 -5.41 -7.15 5.08
N CYS A 61 -4.15 -6.87 5.35
CA CYS A 61 -3.56 -5.58 5.04
C CYS A 61 -3.83 -5.20 3.58
N GLN A 62 -3.92 -6.21 2.72
CA GLN A 62 -4.17 -5.98 1.31
C GLN A 62 -5.41 -5.12 1.10
N ARG A 63 -6.38 -5.26 2.00
CA ARG A 63 -7.62 -4.49 1.92
C ARG A 63 -7.42 -3.09 2.50
N PHE A 64 -6.62 -3.00 3.55
CA PHE A 64 -6.35 -1.72 4.21
C PHE A 64 -5.94 -0.66 3.18
N HIS A 65 -5.20 -1.10 2.16
CA HIS A 65 -4.74 -0.19 1.11
C HIS A 65 -5.91 0.63 0.55
N GLU A 66 -6.94 -0.07 0.09
CA GLU A 66 -8.11 0.60 -0.48
C GLU A 66 -8.90 1.33 0.61
N PHE A 67 -8.95 0.74 1.79
CA PHE A 67 -9.66 1.33 2.92
C PHE A 67 -8.72 2.14 3.80
N MET A 68 -7.79 2.85 3.16
CA MET A 68 -6.83 3.67 3.88
C MET A 68 -7.28 5.13 3.92
N ASP A 69 -7.90 5.58 2.84
CA ASP A 69 -8.38 6.95 2.75
C ASP A 69 -9.80 7.00 2.20
N PHE A 70 -10.76 7.38 3.05
CA PHE A 70 -12.15 7.46 2.66
C PHE A 70 -12.97 8.21 3.69
N GLU A 71 -14.08 8.80 3.26
CA GLU A 71 -14.95 9.55 4.16
C GLU A 71 -15.34 8.71 5.37
N LEU A 72 -15.26 9.31 6.55
CA LEU A 72 -15.61 8.61 7.79
C LEU A 72 -17.11 8.37 7.87
N ASP A 73 -17.50 7.53 8.83
CA ASP A 73 -18.91 7.20 9.02
C ASP A 73 -19.49 7.98 10.20
N LYS A 74 -20.66 8.58 10.00
CA LYS A 74 -21.31 9.35 11.05
C LYS A 74 -20.37 10.40 11.62
N ASN A 75 -20.00 11.38 10.80
CA ASN A 75 -19.11 12.45 11.23
C ASN A 75 -19.80 13.37 12.23
N LYS A 76 -19.35 13.31 13.48
CA LYS A 76 -19.93 14.14 14.54
C LYS A 76 -19.35 15.55 14.49
N GLU A 77 -19.54 16.21 13.35
CA GLU A 77 -19.05 17.58 13.18
C GLU A 77 -20.16 18.50 12.70
N VAL A 78 -19.82 19.77 12.49
CA VAL A 78 -20.78 20.75 12.03
C VAL A 78 -20.84 20.82 10.52
N ILE A 79 -22.04 20.96 9.97
CA ILE A 79 -22.22 21.04 8.52
C ILE A 79 -21.67 22.35 7.98
N ASP A 80 -21.73 22.50 6.66
CA ASP A 80 -21.24 23.71 6.00
C ASP A 80 -22.37 24.72 5.82
N LYS A 81 -22.02 26.01 5.81
CA LYS A 81 -23.00 27.07 5.64
C LYS A 81 -23.36 27.25 4.17
N ARG A 82 -23.86 26.18 3.55
CA ARG A 82 -24.24 26.22 2.15
C ARG A 82 -25.75 26.14 2.00
N LYS A 83 -26.39 27.29 1.81
CA LYS A 83 -27.85 27.36 1.66
C LYS A 83 -28.55 26.78 2.88
N GLY A 84 -28.02 27.08 4.06
CA GLY A 84 -28.61 26.58 5.29
C GLY A 84 -30.01 27.12 5.52
N GLY A 1 -21.08 -23.63 -16.92
CA GLY A 1 -19.66 -23.89 -16.91
C GLY A 1 -18.89 -22.80 -16.18
N PRO A 2 -17.55 -22.87 -16.25
CA PRO A 2 -16.66 -21.90 -15.60
C PRO A 2 -16.73 -20.52 -16.27
N LEU A 3 -16.84 -20.51 -17.59
CA LEU A 3 -16.92 -19.26 -18.35
C LEU A 3 -18.35 -18.96 -18.75
N GLY A 4 -18.93 -17.94 -18.13
CA GLY A 4 -20.30 -17.57 -18.44
C GLY A 4 -20.51 -17.32 -19.92
N SER A 5 -19.60 -16.57 -20.54
CA SER A 5 -19.69 -16.26 -21.95
C SER A 5 -18.31 -15.94 -22.54
N PRO A 6 -18.19 -16.03 -23.87
CA PRO A 6 -16.93 -15.77 -24.57
C PRO A 6 -16.56 -14.29 -24.54
N GLU A 7 -15.39 -13.98 -24.00
CA GLU A 7 -14.92 -12.61 -23.92
C GLU A 7 -14.13 -12.22 -25.17
N PHE A 8 -13.75 -10.94 -25.25
CA PHE A 8 -13.01 -10.45 -26.40
C PHE A 8 -11.60 -11.03 -26.42
N SER A 9 -11.09 -11.30 -27.62
CA SER A 9 -9.76 -11.87 -27.78
C SER A 9 -8.72 -10.77 -28.01
N TYR A 10 -7.91 -10.51 -26.99
CA TYR A 10 -6.88 -9.49 -27.08
C TYR A 10 -5.99 -9.50 -25.83
N PHE A 11 -4.68 -9.64 -26.04
CA PHE A 11 -3.73 -9.66 -24.95
C PHE A 11 -2.99 -8.33 -24.83
N ALA A 12 -2.68 -7.94 -23.61
CA ALA A 12 -1.97 -6.68 -23.37
C ALA A 12 -1.17 -6.74 -22.07
N LYS A 13 -0.49 -5.65 -21.76
CA LYS A 13 0.31 -5.58 -20.53
C LYS A 13 0.02 -4.29 -19.76
N ILE A 14 -0.76 -4.40 -18.70
CA ILE A 14 -1.11 -3.25 -17.88
C ILE A 14 -1.86 -3.67 -16.62
N GLN A 15 -1.64 -2.95 -15.53
CA GLN A 15 -2.30 -3.25 -14.27
C GLN A 15 -2.88 -2.00 -13.64
N PRO A 16 -3.92 -2.17 -12.80
CA PRO A 16 -4.58 -1.06 -12.13
C PRO A 16 -3.70 -0.41 -11.06
N HIS A 17 -2.93 -1.23 -10.37
CA HIS A 17 -2.05 -0.73 -9.33
C HIS A 17 -0.71 -1.46 -9.40
N THR A 18 0.37 -0.67 -9.35
CA THR A 18 1.72 -1.22 -9.40
C THR A 18 2.42 -1.08 -8.05
N PHE A 19 2.75 -2.21 -7.44
CA PHE A 19 3.43 -2.22 -6.15
C PHE A 19 4.93 -2.38 -6.32
N ILE A 20 5.69 -1.40 -5.84
CA ILE A 20 7.14 -1.43 -5.93
C ILE A 20 7.78 -1.52 -4.56
N GLU A 21 9.00 -2.05 -4.51
CA GLU A 21 9.73 -2.19 -3.26
C GLU A 21 10.57 -0.95 -2.97
N GLY A 22 10.16 -0.20 -1.94
CA GLY A 22 10.89 1.01 -1.58
C GLY A 22 12.24 0.71 -0.95
N GLU A 23 12.79 1.71 -0.26
CA GLU A 23 14.09 1.54 0.39
C GLU A 23 13.97 1.70 1.90
N GLU A 24 13.12 2.63 2.32
CA GLU A 24 12.91 2.89 3.74
C GLU A 24 12.14 1.74 4.39
N ILE A 25 12.79 1.05 5.33
CA ILE A 25 12.17 -0.07 6.02
C ILE A 25 11.06 0.41 6.95
N VAL A 26 9.82 0.14 6.56
CA VAL A 26 8.67 0.54 7.37
C VAL A 26 8.01 -0.66 8.03
N LYS A 27 7.57 -0.48 9.27
CA LYS A 27 6.94 -1.55 10.03
C LYS A 27 5.42 -1.43 9.97
N CYS A 28 4.76 -2.52 9.58
CA CYS A 28 3.30 -2.54 9.47
C CYS A 28 2.66 -2.40 10.86
N SER A 29 1.46 -1.83 10.89
CA SER A 29 0.73 -1.65 12.15
C SER A 29 0.12 -2.96 12.62
N GLU A 30 -0.17 -3.85 11.66
CA GLU A 30 -0.76 -5.14 11.98
C GLU A 30 0.29 -6.25 11.97
N CYS A 31 1.05 -6.32 10.88
CA CYS A 31 2.10 -7.33 10.74
C CYS A 31 3.27 -7.02 11.66
N GLY A 32 3.56 -5.74 11.84
CA GLY A 32 4.66 -5.33 12.70
C GLY A 32 5.97 -5.98 12.30
N ASN A 33 6.24 -6.01 11.00
CA ASN A 33 7.47 -6.60 10.48
C ASN A 33 8.22 -5.62 9.59
N GLU A 34 9.52 -5.84 9.44
CA GLU A 34 10.35 -4.98 8.61
C GLU A 34 10.08 -5.21 7.13
N THR A 35 9.53 -4.20 6.46
CA THR A 35 9.22 -4.30 5.04
C THR A 35 9.20 -2.92 4.39
N LYS A 36 9.58 -2.87 3.12
CA LYS A 36 9.59 -1.61 2.37
C LYS A 36 8.83 -1.75 1.07
N VAL A 37 7.52 -1.51 1.11
CA VAL A 37 6.68 -1.60 -0.06
C VAL A 37 5.87 -0.32 -0.26
N PHE A 38 5.73 0.10 -1.51
CA PHE A 38 4.97 1.31 -1.84
C PHE A 38 4.36 1.20 -3.22
N CYS A 39 3.06 1.52 -3.32
CA CYS A 39 2.35 1.48 -4.59
C CYS A 39 2.64 2.72 -5.43
N GLN A 40 3.24 2.52 -6.59
CA GLN A 40 3.56 3.63 -7.48
C GLN A 40 2.30 4.33 -7.97
N GLU A 41 1.34 3.54 -8.44
CA GLU A 41 0.08 4.09 -8.93
C GLU A 41 -0.54 5.03 -7.90
N CYS A 42 -0.38 4.70 -6.63
CA CYS A 42 -0.93 5.52 -5.54
C CYS A 42 0.00 6.67 -5.22
N THR A 43 1.29 6.38 -5.12
CA THR A 43 2.29 7.40 -4.82
C THR A 43 2.15 8.60 -5.75
N ILE A 44 1.74 8.35 -6.99
CA ILE A 44 1.57 9.41 -7.97
C ILE A 44 0.29 10.19 -7.72
N LEU A 45 -0.84 9.50 -7.84
CA LEU A 45 -2.14 10.13 -7.62
C LEU A 45 -2.19 10.86 -6.29
N LYS A 46 -1.83 10.15 -5.23
CA LYS A 46 -1.82 10.74 -3.89
C LYS A 46 -0.66 11.72 -3.73
N ALA A 47 0.40 11.50 -4.51
CA ALA A 47 1.57 12.37 -4.46
C ALA A 47 2.29 12.25 -3.13
N GLU A 48 2.29 11.05 -2.56
CA GLU A 48 2.95 10.80 -1.29
C GLU A 48 3.41 9.35 -1.18
N VAL A 49 4.51 9.13 -0.47
CA VAL A 49 5.05 7.79 -0.29
C VAL A 49 4.15 6.95 0.61
N VAL A 50 3.56 5.91 0.03
CA VAL A 50 2.67 5.02 0.77
C VAL A 50 3.42 3.78 1.26
N GLY A 51 3.08 3.35 2.47
CA GLY A 51 3.72 2.17 3.03
C GLY A 51 2.84 0.93 2.96
N LEU A 52 3.43 -0.19 2.57
CA LEU A 52 2.69 -1.44 2.46
C LEU A 52 3.55 -2.61 2.93
N CYS A 53 2.91 -3.77 3.11
CA CYS A 53 3.60 -4.97 3.56
C CYS A 53 3.48 -6.09 2.52
N HIS A 54 4.55 -6.87 2.38
CA HIS A 54 4.56 -7.97 1.43
C HIS A 54 3.41 -8.93 1.68
N GLU A 55 2.97 -8.99 2.95
CA GLU A 55 1.87 -9.87 3.32
C GLU A 55 0.57 -9.43 2.67
N LYS A 56 0.58 -8.23 2.11
CA LYS A 56 -0.61 -7.69 1.44
C LYS A 56 -1.23 -8.72 0.51
N ASP A 57 -0.39 -9.56 -0.08
CA ASP A 57 -0.87 -10.60 -0.99
C ASP A 57 -2.03 -11.37 -0.38
N THR A 58 -1.96 -11.57 0.94
CA THR A 58 -3.01 -12.30 1.65
C THR A 58 -3.09 -11.86 3.10
N ILE A 59 -3.78 -10.76 3.35
CA ILE A 59 -3.94 -10.25 4.71
C ILE A 59 -4.91 -9.07 4.74
N LYS A 60 -5.54 -8.85 5.90
CA LYS A 60 -6.49 -7.77 6.07
C LYS A 60 -5.91 -6.45 5.56
N CYS A 61 -4.60 -6.29 5.73
CA CYS A 61 -3.92 -5.08 5.30
C CYS A 61 -4.27 -4.74 3.85
N GLN A 62 -4.45 -5.78 3.04
CA GLN A 62 -4.80 -5.59 1.63
C GLN A 62 -5.99 -4.65 1.48
N ARG A 63 -6.90 -4.70 2.45
CA ARG A 63 -8.09 -3.85 2.42
C ARG A 63 -7.71 -2.37 2.50
N PHE A 64 -6.68 -2.08 3.29
CA PHE A 64 -6.21 -0.71 3.46
C PHE A 64 -5.98 -0.05 2.11
N HIS A 65 -5.36 -0.78 1.20
CA HIS A 65 -5.07 -0.26 -0.15
C HIS A 65 -6.37 0.07 -0.88
N GLU A 66 -7.40 -0.73 -0.65
CA GLU A 66 -8.69 -0.51 -1.30
C GLU A 66 -9.46 0.62 -0.63
N PHE A 67 -9.25 0.78 0.68
CA PHE A 67 -9.91 1.82 1.44
C PHE A 67 -9.25 3.17 1.21
N MET A 68 -7.94 3.14 0.96
CA MET A 68 -7.18 4.37 0.73
C MET A 68 -7.08 4.66 -0.77
N ASP A 69 -8.06 4.19 -1.53
CA ASP A 69 -8.08 4.40 -2.97
C ASP A 69 -9.20 5.35 -3.37
N PHE A 70 -10.34 5.24 -2.67
CA PHE A 70 -11.49 6.09 -2.95
C PHE A 70 -11.96 5.91 -4.40
N GLU A 71 -11.82 4.69 -4.91
CA GLU A 71 -12.22 4.40 -6.28
C GLU A 71 -11.61 5.40 -7.26
N LEU A 72 -10.30 5.54 -7.20
CA LEU A 72 -9.59 6.47 -8.09
C LEU A 72 -9.91 6.19 -9.55
N ASP A 73 -9.39 7.02 -10.44
CA ASP A 73 -9.62 6.86 -11.87
C ASP A 73 -8.61 7.67 -12.69
N LYS A 74 -8.14 7.09 -13.78
CA LYS A 74 -7.17 7.75 -14.64
C LYS A 74 -7.86 8.43 -15.82
N ASN A 75 -9.06 8.95 -15.57
CA ASN A 75 -9.82 9.63 -16.62
C ASN A 75 -9.62 11.14 -16.54
N LYS A 76 -10.30 11.86 -17.43
CA LYS A 76 -10.21 13.32 -17.46
C LYS A 76 -11.07 13.95 -16.37
N GLU A 77 -10.42 14.35 -15.28
CA GLU A 77 -11.12 14.97 -14.17
C GLU A 77 -10.82 16.47 -14.10
N VAL A 78 -11.41 17.14 -13.10
CA VAL A 78 -11.20 18.58 -12.93
C VAL A 78 -9.73 18.90 -12.74
N ILE A 79 -9.33 20.08 -13.20
CA ILE A 79 -7.94 20.52 -13.08
C ILE A 79 -7.51 20.57 -11.61
N ASP A 80 -6.27 20.19 -11.35
CA ASP A 80 -5.73 20.20 -9.99
C ASP A 80 -5.95 21.56 -9.33
N LYS A 81 -6.93 21.63 -8.44
CA LYS A 81 -7.24 22.87 -7.75
C LYS A 81 -6.02 23.39 -6.98
N ARG A 82 -5.22 22.47 -6.48
CA ARG A 82 -4.02 22.83 -5.73
C ARG A 82 -3.09 23.70 -6.58
N LYS A 83 -2.13 24.35 -5.92
CA LYS A 83 -1.18 25.21 -6.62
C LYS A 83 -0.53 24.48 -7.78
N GLY A 84 0.39 23.57 -7.48
CA GLY A 84 1.07 22.82 -8.52
C GLY A 84 1.85 23.71 -9.46
N GLY A 1 32.10 4.96 -36.33
CA GLY A 1 31.05 5.94 -36.09
C GLY A 1 30.11 5.52 -34.97
N PRO A 2 29.25 6.44 -34.54
CA PRO A 2 28.29 6.19 -33.46
C PRO A 2 27.18 5.23 -33.89
N LEU A 3 27.02 4.15 -33.12
CA LEU A 3 25.99 3.16 -33.43
C LEU A 3 24.68 3.49 -32.72
N GLY A 4 23.76 4.12 -33.45
CA GLY A 4 22.48 4.47 -32.87
C GLY A 4 21.37 4.48 -33.89
N SER A 5 20.12 4.40 -33.42
CA SER A 5 18.97 4.40 -34.30
C SER A 5 17.70 4.81 -33.55
N PRO A 6 16.68 5.23 -34.31
CA PRO A 6 15.40 5.65 -33.73
C PRO A 6 14.61 4.48 -33.15
N GLU A 7 13.75 4.78 -32.18
CA GLU A 7 12.93 3.76 -31.54
C GLU A 7 11.61 4.34 -31.04
N PHE A 8 10.55 3.54 -31.12
CA PHE A 8 9.23 3.98 -30.67
C PHE A 8 8.39 2.79 -30.23
N SER A 9 7.68 2.96 -29.12
CA SER A 9 6.84 1.90 -28.58
C SER A 9 5.36 2.18 -28.88
N TYR A 10 4.55 1.13 -28.82
CA TYR A 10 3.12 1.26 -29.08
C TYR A 10 2.31 1.12 -27.79
N PHE A 11 1.08 1.60 -27.82
CA PHE A 11 0.20 1.55 -26.66
C PHE A 11 0.06 0.10 -26.18
N ALA A 12 -0.03 -0.06 -24.85
CA ALA A 12 -0.17 -1.38 -24.25
C ALA A 12 -1.02 -1.32 -22.99
N LYS A 13 -1.27 -2.47 -22.39
CA LYS A 13 -2.08 -2.56 -21.19
C LYS A 13 -1.20 -2.57 -19.94
N ILE A 14 -1.68 -1.95 -18.87
CA ILE A 14 -0.93 -1.90 -17.61
C ILE A 14 -1.73 -2.50 -16.47
N GLN A 15 -1.04 -2.92 -15.43
CA GLN A 15 -1.68 -3.52 -14.26
C GLN A 15 -2.43 -2.47 -13.46
N PRO A 16 -3.39 -2.93 -12.63
CA PRO A 16 -4.20 -2.04 -11.79
C PRO A 16 -3.38 -1.40 -10.68
N HIS A 17 -2.41 -2.13 -10.15
CA HIS A 17 -1.57 -1.63 -9.08
C HIS A 17 -0.15 -2.15 -9.25
N THR A 18 0.80 -1.22 -9.23
CA THR A 18 2.21 -1.56 -9.38
C THR A 18 2.94 -1.48 -8.06
N PHE A 19 3.07 -2.62 -7.37
CA PHE A 19 3.75 -2.68 -6.09
C PHE A 19 5.27 -2.75 -6.28
N ILE A 20 5.98 -1.81 -5.66
CA ILE A 20 7.43 -1.76 -5.75
C ILE A 20 8.07 -1.72 -4.37
N GLU A 21 9.29 -2.24 -4.27
CA GLU A 21 10.01 -2.25 -3.01
C GLU A 21 10.86 -1.00 -2.85
N GLY A 22 10.43 -0.11 -1.97
CA GLY A 22 11.15 1.13 -1.74
C GLY A 22 12.48 0.89 -1.03
N GLU A 23 12.86 1.83 -0.18
CA GLU A 23 14.12 1.73 0.56
C GLU A 23 13.88 1.87 2.06
N GLU A 24 13.00 2.79 2.44
CA GLU A 24 12.68 3.03 3.84
C GLU A 24 12.04 1.80 4.46
N ILE A 25 12.69 1.25 5.49
CA ILE A 25 12.18 0.07 6.17
C ILE A 25 11.06 0.43 7.13
N VAL A 26 9.83 0.06 6.76
CA VAL A 26 8.66 0.35 7.59
C VAL A 26 8.11 -0.93 8.21
N LYS A 27 7.51 -0.79 9.39
CA LYS A 27 6.93 -1.93 10.09
C LYS A 27 5.41 -1.83 10.14
N CYS A 28 4.73 -2.79 9.53
CA CYS A 28 3.28 -2.81 9.51
C CYS A 28 2.70 -2.67 10.91
N SER A 29 1.52 -2.09 11.01
CA SER A 29 0.86 -1.90 12.30
C SER A 29 0.24 -3.20 12.79
N GLU A 30 -0.10 -4.08 11.86
CA GLU A 30 -0.69 -5.37 12.20
C GLU A 30 0.34 -6.48 12.16
N CYS A 31 1.05 -6.57 11.03
CA CYS A 31 2.07 -7.60 10.86
C CYS A 31 3.30 -7.29 11.73
N GLY A 32 3.61 -6.01 11.87
CA GLY A 32 4.76 -5.62 12.67
C GLY A 32 6.03 -6.32 12.25
N ASN A 33 6.42 -6.15 10.99
CA ASN A 33 7.63 -6.78 10.47
C ASN A 33 8.39 -5.82 9.56
N GLU A 34 9.71 -6.00 9.51
CA GLU A 34 10.55 -5.15 8.68
C GLU A 34 10.25 -5.35 7.21
N THR A 35 9.71 -4.32 6.56
CA THR A 35 9.37 -4.38 5.15
C THR A 35 9.35 -2.99 4.51
N LYS A 36 9.75 -2.92 3.25
CA LYS A 36 9.78 -1.65 2.53
C LYS A 36 9.07 -1.77 1.19
N VAL A 37 7.76 -1.55 1.20
CA VAL A 37 6.96 -1.63 -0.03
C VAL A 37 6.15 -0.35 -0.24
N PHE A 38 5.88 -0.04 -1.51
CA PHE A 38 5.12 1.15 -1.85
C PHE A 38 4.49 1.02 -3.23
N CYS A 39 3.20 1.35 -3.32
CA CYS A 39 2.48 1.27 -4.58
C CYS A 39 2.71 2.51 -5.43
N GLN A 40 3.36 2.34 -6.58
CA GLN A 40 3.64 3.44 -7.48
C GLN A 40 2.35 4.10 -7.96
N GLU A 41 1.42 3.28 -8.45
CA GLU A 41 0.14 3.78 -8.94
C GLU A 41 -0.51 4.71 -7.92
N CYS A 42 -0.75 4.18 -6.72
CA CYS A 42 -1.36 4.95 -5.65
C CYS A 42 -0.53 6.18 -5.31
N THR A 43 0.77 5.97 -5.12
CA THR A 43 1.68 7.07 -4.79
C THR A 43 1.48 8.25 -5.73
N ILE A 44 1.13 7.95 -6.98
CA ILE A 44 0.92 8.99 -7.99
C ILE A 44 -0.41 9.70 -7.76
N LEU A 45 -1.50 8.92 -7.72
CA LEU A 45 -2.83 9.47 -7.51
C LEU A 45 -2.90 10.25 -6.20
N LYS A 46 -2.52 9.59 -5.11
CA LYS A 46 -2.53 10.22 -3.79
C LYS A 46 -1.41 11.26 -3.68
N ALA A 47 -0.36 11.09 -4.48
CA ALA A 47 0.76 12.01 -4.46
C ALA A 47 1.53 11.92 -3.15
N GLU A 48 1.60 10.72 -2.60
CA GLU A 48 2.31 10.49 -1.33
C GLU A 48 2.91 9.10 -1.30
N VAL A 49 4.06 8.97 -0.63
CA VAL A 49 4.75 7.69 -0.50
C VAL A 49 4.05 6.79 0.51
N VAL A 50 3.43 5.73 0.01
CA VAL A 50 2.73 4.78 0.88
C VAL A 50 3.64 3.64 1.31
N GLY A 51 3.61 3.32 2.59
CA GLY A 51 4.45 2.24 3.10
C GLY A 51 3.65 1.20 3.86
N LEU A 52 3.52 0.01 3.28
CA LEU A 52 2.78 -1.07 3.90
C LEU A 52 3.47 -2.41 3.66
N CYS A 53 2.97 -3.46 4.32
CA CYS A 53 3.53 -4.79 4.18
C CYS A 53 3.31 -5.34 2.76
N HIS A 54 4.18 -6.23 2.33
CA HIS A 54 4.07 -6.82 1.00
C HIS A 54 3.03 -7.94 0.99
N GLU A 55 2.44 -8.20 2.16
CA GLU A 55 1.42 -9.24 2.27
C GLU A 55 0.07 -8.74 1.77
N LYS A 56 0.02 -7.48 1.35
CA LYS A 56 -1.20 -6.89 0.84
C LYS A 56 -1.86 -7.78 -0.19
N ASP A 57 -1.04 -8.54 -0.91
CA ASP A 57 -1.55 -9.45 -1.93
C ASP A 57 -2.67 -10.34 -1.38
N THR A 58 -2.55 -10.71 -0.12
CA THR A 58 -3.55 -11.55 0.54
C THR A 58 -3.54 -11.36 2.05
N ILE A 59 -4.15 -10.26 2.50
CA ILE A 59 -4.21 -9.96 3.92
C ILE A 59 -5.14 -8.78 4.19
N LYS A 60 -5.72 -8.75 5.39
CA LYS A 60 -6.62 -7.69 5.78
C LYS A 60 -5.99 -6.31 5.53
N CYS A 61 -4.69 -6.23 5.74
CA CYS A 61 -3.96 -4.98 5.53
C CYS A 61 -4.27 -4.39 4.16
N GLN A 62 -4.48 -5.27 3.19
CA GLN A 62 -4.78 -4.85 1.82
C GLN A 62 -5.90 -3.81 1.81
N ARG A 63 -6.83 -3.94 2.76
CA ARG A 63 -7.96 -3.02 2.85
C ARG A 63 -7.47 -1.57 2.95
N PHE A 64 -6.34 -1.39 3.63
CA PHE A 64 -5.77 -0.05 3.80
C PHE A 64 -5.24 0.48 2.47
N HIS A 65 -4.63 -0.39 1.69
CA HIS A 65 -4.07 -0.01 0.40
C HIS A 65 -5.14 0.63 -0.48
N GLU A 66 -6.35 0.11 -0.41
CA GLU A 66 -7.46 0.62 -1.20
C GLU A 66 -8.17 1.75 -0.46
N PHE A 67 -8.42 1.55 0.83
CA PHE A 67 -9.10 2.55 1.64
C PHE A 67 -8.08 3.44 2.35
N MET A 68 -7.03 3.80 1.65
CA MET A 68 -5.98 4.65 2.22
C MET A 68 -6.60 5.88 2.88
N ASP A 69 -7.07 6.81 2.06
CA ASP A 69 -7.67 8.04 2.56
C ASP A 69 -8.21 8.89 1.42
N PHE A 70 -9.07 9.86 1.75
CA PHE A 70 -9.65 10.73 0.74
C PHE A 70 -9.11 12.15 0.87
N GLU A 71 -9.38 12.79 2.01
CA GLU A 71 -8.91 14.15 2.26
C GLU A 71 -7.86 14.16 3.38
N LEU A 72 -6.70 14.71 3.07
CA LEU A 72 -5.61 14.79 4.04
C LEU A 72 -5.36 16.24 4.46
N ASP A 73 -4.35 16.44 5.29
CA ASP A 73 -4.01 17.77 5.77
C ASP A 73 -2.69 18.25 5.16
N LYS A 74 -2.79 19.11 4.15
CA LYS A 74 -1.60 19.64 3.49
C LYS A 74 -1.03 20.84 4.24
N ASN A 75 -0.33 20.56 5.34
CA ASN A 75 0.26 21.62 6.15
C ASN A 75 1.36 22.35 5.38
N LYS A 76 1.66 23.57 5.81
CA LYS A 76 2.68 24.38 5.16
C LYS A 76 3.97 24.38 5.97
N GLU A 77 4.70 23.27 5.92
CA GLU A 77 5.95 23.14 6.65
C GLU A 77 7.09 23.86 5.92
N VAL A 78 8.17 24.13 6.64
CA VAL A 78 9.32 24.81 6.05
C VAL A 78 10.60 24.03 6.31
N ILE A 79 11.45 23.95 5.29
CA ILE A 79 12.71 23.24 5.40
C ILE A 79 13.89 24.14 5.07
N ASP A 80 15.05 23.84 5.65
CA ASP A 80 16.26 24.62 5.42
C ASP A 80 17.34 23.78 4.75
N LYS A 81 17.96 24.33 3.72
CA LYS A 81 19.01 23.63 3.00
C LYS A 81 20.10 23.14 3.96
N ARG A 82 20.30 21.83 4.00
CA ARG A 82 21.31 21.24 4.87
C ARG A 82 22.50 20.72 4.06
N LYS A 83 23.62 21.43 4.12
CA LYS A 83 24.82 21.03 3.39
C LYS A 83 25.73 20.19 4.26
N GLY A 84 26.30 19.14 3.69
CA GLY A 84 27.19 18.26 4.43
C GLY A 84 28.12 17.48 3.53
N GLY A 1 13.62 -7.33 19.57
CA GLY A 1 14.54 -7.72 18.51
C GLY A 1 14.04 -8.89 17.70
N PRO A 2 12.98 -8.66 16.92
CA PRO A 2 12.37 -9.71 16.08
C PRO A 2 13.27 -10.09 14.91
N LEU A 3 12.95 -11.20 14.26
CA LEU A 3 13.73 -11.68 13.12
C LEU A 3 12.92 -11.57 11.83
N GLY A 4 13.64 -11.44 10.71
CA GLY A 4 12.97 -11.33 9.41
C GLY A 4 12.35 -12.64 8.97
N SER A 5 11.18 -12.55 8.34
CA SER A 5 10.47 -13.73 7.87
C SER A 5 10.09 -13.58 6.40
N PRO A 6 11.09 -13.70 5.51
CA PRO A 6 10.89 -13.59 4.06
C PRO A 6 10.12 -14.77 3.49
N GLU A 7 9.58 -14.59 2.28
CA GLU A 7 8.82 -15.65 1.63
C GLU A 7 9.46 -16.06 0.31
N PHE A 8 10.16 -15.11 -0.32
CA PHE A 8 10.83 -15.37 -1.58
C PHE A 8 9.87 -15.99 -2.60
N SER A 9 8.71 -15.36 -2.75
CA SER A 9 7.70 -15.87 -3.68
C SER A 9 7.12 -14.73 -4.53
N TYR A 10 7.50 -14.70 -5.79
CA TYR A 10 7.02 -13.66 -6.70
C TYR A 10 6.20 -14.27 -7.83
N PHE A 11 4.94 -14.60 -7.53
CA PHE A 11 4.05 -15.19 -8.53
C PHE A 11 2.59 -14.87 -8.21
N ALA A 12 1.90 -14.26 -9.16
CA ALA A 12 0.50 -13.91 -8.99
C ALA A 12 -0.10 -13.37 -10.28
N LYS A 13 -1.40 -13.11 -10.26
CA LYS A 13 -2.10 -12.59 -11.43
C LYS A 13 -1.95 -11.09 -11.54
N ILE A 14 -2.60 -10.50 -12.54
CA ILE A 14 -2.54 -9.05 -12.76
C ILE A 14 -3.45 -8.31 -11.79
N GLN A 15 -3.03 -7.13 -11.38
CA GLN A 15 -3.81 -6.31 -10.46
C GLN A 15 -3.79 -4.85 -10.86
N PRO A 16 -4.75 -4.07 -10.36
CA PRO A 16 -4.86 -2.64 -10.65
C PRO A 16 -3.74 -1.83 -10.00
N HIS A 17 -3.53 -2.05 -8.71
CA HIS A 17 -2.49 -1.33 -8.00
C HIS A 17 -1.13 -2.01 -8.25
N THR A 18 -0.17 -1.18 -8.66
CA THR A 18 1.17 -1.66 -8.95
C THR A 18 2.03 -1.68 -7.69
N PHE A 19 2.02 -2.80 -6.99
CA PHE A 19 2.81 -2.94 -5.76
C PHE A 19 4.29 -3.08 -6.08
N ILE A 20 5.09 -2.13 -5.59
CA ILE A 20 6.52 -2.15 -5.81
C ILE A 20 7.30 -2.13 -4.50
N GLU A 21 8.50 -2.70 -4.52
CA GLU A 21 9.33 -2.75 -3.32
C GLU A 21 10.29 -1.56 -3.28
N GLY A 22 10.26 -0.82 -2.17
CA GLY A 22 11.13 0.33 -2.04
C GLY A 22 12.35 0.03 -1.18
N GLU A 23 12.92 1.08 -0.58
CA GLU A 23 14.09 0.92 0.27
C GLU A 23 13.78 1.31 1.71
N GLU A 24 12.93 2.33 1.87
CA GLU A 24 12.56 2.80 3.20
C GLU A 24 12.00 1.66 4.05
N ILE A 25 12.41 1.63 5.32
CA ILE A 25 11.96 0.59 6.24
C ILE A 25 10.68 1.01 6.96
N VAL A 26 9.56 0.39 6.58
CA VAL A 26 8.28 0.70 7.20
C VAL A 26 7.73 -0.50 7.95
N LYS A 27 7.13 -0.24 9.11
CA LYS A 27 6.56 -1.30 9.94
C LYS A 27 5.03 -1.26 9.90
N CYS A 28 4.43 -2.29 9.32
CA CYS A 28 2.97 -2.37 9.22
C CYS A 28 2.33 -2.16 10.59
N SER A 29 1.11 -1.64 10.59
CA SER A 29 0.39 -1.40 11.83
C SER A 29 -0.27 -2.68 12.33
N GLU A 30 -0.49 -3.63 11.42
CA GLU A 30 -1.12 -4.89 11.77
C GLU A 30 -0.07 -6.01 11.86
N CYS A 31 0.85 -6.03 10.90
CA CYS A 31 1.91 -7.03 10.87
C CYS A 31 3.07 -6.64 11.76
N GLY A 32 3.34 -5.33 11.82
CA GLY A 32 4.43 -4.84 12.66
C GLY A 32 5.75 -5.53 12.33
N ASN A 33 6.17 -5.44 11.08
CA ASN A 33 7.42 -6.07 10.64
C ASN A 33 8.16 -5.17 9.66
N GLU A 34 9.48 -5.30 9.63
CA GLU A 34 10.31 -4.50 8.73
C GLU A 34 10.11 -4.93 7.28
N THR A 35 9.66 -3.99 6.44
CA THR A 35 9.43 -4.26 5.04
C THR A 35 9.52 -3.00 4.20
N LYS A 36 9.96 -3.15 2.95
CA LYS A 36 10.10 -2.01 2.05
C LYS A 36 9.14 -2.13 0.88
N VAL A 37 7.91 -1.64 1.06
CA VAL A 37 6.91 -1.68 0.02
C VAL A 37 6.30 -0.31 -0.22
N PHE A 38 5.81 -0.09 -1.44
CA PHE A 38 5.21 1.18 -1.81
C PHE A 38 4.41 1.06 -3.10
N CYS A 39 3.20 1.62 -3.10
CA CYS A 39 2.34 1.57 -4.28
C CYS A 39 2.58 2.77 -5.17
N GLN A 40 3.05 2.50 -6.39
CA GLN A 40 3.32 3.57 -7.36
C GLN A 40 2.04 4.29 -7.74
N GLU A 41 1.01 3.52 -8.08
CA GLU A 41 -0.27 4.11 -8.48
C GLU A 41 -0.75 5.12 -7.44
N CYS A 42 -0.66 4.75 -6.17
CA CYS A 42 -1.09 5.62 -5.09
C CYS A 42 -0.09 6.76 -4.88
N THR A 43 1.19 6.40 -4.81
CA THR A 43 2.25 7.39 -4.63
C THR A 43 2.11 8.55 -5.60
N ILE A 44 1.62 8.24 -6.80
CA ILE A 44 1.43 9.26 -7.83
C ILE A 44 0.13 10.04 -7.61
N LEU A 45 -0.93 9.32 -7.27
CA LEU A 45 -2.22 9.93 -7.03
C LEU A 45 -2.17 10.87 -5.82
N LYS A 46 -1.76 10.33 -4.68
CA LYS A 46 -1.66 11.11 -3.45
C LYS A 46 -0.43 12.00 -3.49
N ALA A 47 0.53 11.66 -4.34
CA ALA A 47 1.76 12.44 -4.46
C ALA A 47 2.61 12.34 -3.21
N GLU A 48 2.60 11.16 -2.58
CA GLU A 48 3.36 10.94 -1.36
C GLU A 48 3.77 9.48 -1.24
N VAL A 49 4.94 9.24 -0.65
CA VAL A 49 5.45 7.88 -0.48
C VAL A 49 4.64 7.13 0.57
N VAL A 50 3.94 6.09 0.13
CA VAL A 50 3.11 5.28 1.03
C VAL A 50 3.86 4.03 1.47
N GLY A 51 3.45 3.47 2.61
CA GLY A 51 4.10 2.28 3.12
C GLY A 51 3.15 1.09 3.17
N LEU A 52 3.64 -0.07 2.77
CA LEU A 52 2.83 -1.28 2.77
C LEU A 52 3.66 -2.48 3.23
N CYS A 53 2.99 -3.62 3.41
CA CYS A 53 3.66 -4.84 3.84
C CYS A 53 3.61 -5.90 2.75
N HIS A 54 4.68 -6.69 2.66
CA HIS A 54 4.76 -7.75 1.66
C HIS A 54 3.56 -8.70 1.77
N GLU A 55 3.03 -8.84 2.97
CA GLU A 55 1.88 -9.71 3.21
C GLU A 55 0.66 -9.21 2.44
N LYS A 56 0.71 -7.97 1.99
CA LYS A 56 -0.38 -7.37 1.24
C LYS A 56 -0.90 -8.33 0.18
N ASP A 57 -0.01 -9.13 -0.39
CA ASP A 57 -0.38 -10.10 -1.41
C ASP A 57 -1.55 -10.95 -0.95
N THR A 58 -1.48 -11.42 0.29
CA THR A 58 -2.54 -12.26 0.85
C THR A 58 -2.73 -11.98 2.33
N ILE A 59 -3.53 -10.96 2.64
CA ILE A 59 -3.79 -10.60 4.02
C ILE A 59 -4.80 -9.45 4.11
N LYS A 60 -5.41 -9.29 5.27
CA LYS A 60 -6.40 -8.25 5.49
C LYS A 60 -5.86 -6.89 5.04
N CYS A 61 -4.58 -6.65 5.29
CA CYS A 61 -3.94 -5.40 4.90
C CYS A 61 -4.22 -5.09 3.44
N GLN A 62 -4.35 -6.13 2.62
CA GLN A 62 -4.62 -5.96 1.20
C GLN A 62 -5.82 -5.04 0.98
N ARG A 63 -6.98 -5.48 1.44
CA ARG A 63 -8.20 -4.69 1.29
C ARG A 63 -8.08 -3.35 1.97
N PHE A 64 -7.28 -3.30 3.04
CA PHE A 64 -7.08 -2.07 3.78
C PHE A 64 -6.37 -1.02 2.93
N HIS A 65 -5.49 -1.48 2.04
CA HIS A 65 -4.75 -0.58 1.16
C HIS A 65 -5.69 0.36 0.43
N GLU A 66 -6.62 -0.22 -0.33
CA GLU A 66 -7.59 0.55 -1.09
C GLU A 66 -8.46 1.39 -0.16
N PHE A 67 -8.78 0.85 1.00
CA PHE A 67 -9.61 1.55 1.98
C PHE A 67 -8.74 2.19 3.06
N MET A 68 -7.60 2.73 2.65
CA MET A 68 -6.68 3.37 3.59
C MET A 68 -7.12 4.80 3.88
N ASP A 69 -7.66 5.48 2.86
CA ASP A 69 -8.13 6.84 3.01
C ASP A 69 -9.06 6.98 4.20
N PHE A 70 -8.56 7.58 5.27
CA PHE A 70 -9.35 7.78 6.49
C PHE A 70 -8.88 9.00 7.26
N GLU A 71 -9.62 9.35 8.30
CA GLU A 71 -9.28 10.51 9.12
C GLU A 71 -7.83 10.44 9.60
N LEU A 72 -7.16 11.58 9.65
CA LEU A 72 -5.78 11.64 10.09
C LEU A 72 -5.68 12.25 11.49
N ASP A 73 -4.45 12.55 11.91
CA ASP A 73 -4.22 13.14 13.23
C ASP A 73 -3.49 14.47 13.11
N LYS A 74 -3.77 15.37 14.04
CA LYS A 74 -3.14 16.69 14.04
C LYS A 74 -1.62 16.56 13.95
N ASN A 75 -1.08 15.54 14.59
CA ASN A 75 0.37 15.31 14.59
C ASN A 75 0.86 15.03 13.16
N LYS A 76 0.06 14.29 12.40
CA LYS A 76 0.42 13.95 11.03
C LYS A 76 -0.02 15.04 10.07
N GLU A 77 0.44 16.28 10.32
CA GLU A 77 0.09 17.40 9.48
C GLU A 77 1.11 17.60 8.37
N VAL A 78 0.64 18.01 7.20
CA VAL A 78 1.53 18.23 6.05
C VAL A 78 1.63 19.71 5.72
N ILE A 79 2.85 20.17 5.49
CA ILE A 79 3.09 21.58 5.16
C ILE A 79 2.23 22.02 3.99
N ASP A 80 1.83 23.29 3.99
CA ASP A 80 1.01 23.84 2.93
C ASP A 80 0.98 25.36 2.99
N LYS A 81 0.50 25.98 1.92
CA LYS A 81 0.42 27.43 1.85
C LYS A 81 -0.51 27.97 2.94
N ARG A 82 -0.46 29.28 3.16
CA ARG A 82 -1.30 29.92 4.16
C ARG A 82 -2.77 29.57 3.96
N LYS A 83 -3.54 29.60 5.04
CA LYS A 83 -4.96 29.29 4.99
C LYS A 83 -5.64 29.58 6.32
N GLY A 84 -6.57 30.52 6.31
CA GLY A 84 -7.28 30.87 7.52
C GLY A 84 -7.95 29.68 8.17
N GLY A 1 9.93 -34.28 6.78
CA GLY A 1 10.84 -33.54 7.66
C GLY A 1 10.12 -32.82 8.77
N PRO A 2 10.88 -32.28 9.73
CA PRO A 2 10.33 -31.54 10.86
C PRO A 2 9.72 -30.21 10.46
N LEU A 3 10.42 -29.49 9.58
CA LEU A 3 9.94 -28.20 9.12
C LEU A 3 9.84 -28.18 7.59
N GLY A 4 8.81 -27.50 7.09
CA GLY A 4 8.62 -27.41 5.65
C GLY A 4 7.35 -26.66 5.28
N SER A 5 7.47 -25.35 5.14
CA SER A 5 6.33 -24.51 4.79
C SER A 5 6.72 -23.46 3.75
N PRO A 6 6.95 -23.92 2.51
CA PRO A 6 7.34 -23.04 1.41
C PRO A 6 6.19 -22.13 0.96
N GLU A 7 6.47 -21.28 -0.03
CA GLU A 7 5.46 -20.37 -0.55
C GLU A 7 4.97 -20.81 -1.91
N PHE A 8 3.86 -20.23 -2.37
CA PHE A 8 3.28 -20.57 -3.66
C PHE A 8 3.45 -19.41 -4.65
N SER A 9 3.99 -19.72 -5.82
CA SER A 9 4.19 -18.71 -6.85
C SER A 9 3.16 -18.82 -7.96
N TYR A 10 3.08 -17.80 -8.80
CA TYR A 10 2.12 -17.80 -9.90
C TYR A 10 2.83 -17.61 -11.24
N PHE A 11 2.14 -17.96 -12.33
CA PHE A 11 2.72 -17.83 -13.66
C PHE A 11 2.83 -16.36 -14.06
N ALA A 12 1.69 -15.76 -14.40
CA ALA A 12 1.65 -14.36 -14.81
C ALA A 12 0.27 -13.75 -14.58
N LYS A 13 0.21 -12.75 -13.71
CA LYS A 13 -1.05 -12.08 -13.40
C LYS A 13 -0.90 -10.56 -13.50
N ILE A 14 -1.85 -9.92 -14.18
CA ILE A 14 -1.83 -8.47 -14.33
C ILE A 14 -2.77 -7.79 -13.34
N GLN A 15 -2.37 -6.61 -12.88
CA GLN A 15 -3.18 -5.86 -11.92
C GLN A 15 -3.15 -4.37 -12.25
N PRO A 16 -4.17 -3.64 -11.77
CA PRO A 16 -4.28 -2.20 -11.99
C PRO A 16 -3.24 -1.41 -11.23
N HIS A 17 -3.07 -1.73 -9.95
CA HIS A 17 -2.09 -1.04 -9.13
C HIS A 17 -0.71 -1.64 -9.37
N THR A 18 0.31 -0.81 -9.16
CA THR A 18 1.70 -1.23 -9.34
C THR A 18 2.48 -1.15 -8.03
N PHE A 19 2.62 -2.29 -7.37
CA PHE A 19 3.34 -2.35 -6.10
C PHE A 19 4.85 -2.41 -6.34
N ILE A 20 5.57 -1.47 -5.73
CA ILE A 20 7.02 -1.43 -5.88
C ILE A 20 7.72 -1.50 -4.51
N GLU A 21 8.94 -2.01 -4.51
CA GLU A 21 9.71 -2.12 -3.28
C GLU A 21 10.57 -0.89 -3.05
N GLY A 22 10.22 -0.11 -2.04
CA GLY A 22 10.97 1.10 -1.74
C GLY A 22 12.33 0.80 -1.13
N GLU A 23 12.79 1.68 -0.25
CA GLU A 23 14.08 1.49 0.41
C GLU A 23 13.94 1.63 1.92
N GLU A 24 13.23 2.67 2.36
CA GLU A 24 13.03 2.89 3.79
C GLU A 24 12.33 1.71 4.44
N ILE A 25 12.93 1.19 5.52
CA ILE A 25 12.38 0.06 6.23
C ILE A 25 11.21 0.49 7.13
N VAL A 26 10.00 0.13 6.73
CA VAL A 26 8.80 0.47 7.50
C VAL A 26 8.21 -0.76 8.16
N LYS A 27 7.61 -0.56 9.33
CA LYS A 27 6.99 -1.66 10.06
C LYS A 27 5.47 -1.52 10.06
N CYS A 28 4.80 -2.51 9.47
CA CYS A 28 3.35 -2.50 9.39
C CYS A 28 2.73 -2.35 10.78
N SER A 29 1.54 -1.76 10.83
CA SER A 29 0.85 -1.54 12.10
C SER A 29 0.21 -2.83 12.59
N GLU A 30 -0.12 -3.72 11.66
CA GLU A 30 -0.74 -5.00 11.99
C GLU A 30 0.29 -6.12 12.00
N CYS A 31 1.04 -6.23 10.89
CA CYS A 31 2.06 -7.26 10.76
C CYS A 31 3.25 -6.97 11.67
N GLY A 32 3.57 -5.69 11.82
CA GLY A 32 4.68 -5.30 12.66
C GLY A 32 5.98 -5.99 12.26
N ASN A 33 6.24 -6.06 10.96
CA ASN A 33 7.45 -6.70 10.46
C ASN A 33 8.25 -5.74 9.59
N GLU A 34 9.56 -5.96 9.51
CA GLU A 34 10.43 -5.12 8.71
C GLU A 34 10.18 -5.34 7.21
N THR A 35 9.66 -4.30 6.56
CA THR A 35 9.37 -4.37 5.13
C THR A 35 9.38 -2.98 4.49
N LYS A 36 9.63 -2.94 3.19
CA LYS A 36 9.67 -1.68 2.46
C LYS A 36 8.90 -1.79 1.15
N VAL A 37 7.59 -1.53 1.21
CA VAL A 37 6.75 -1.60 0.03
C VAL A 37 5.95 -0.30 -0.16
N PHE A 38 5.70 0.06 -1.40
CA PHE A 38 4.95 1.27 -1.72
C PHE A 38 4.32 1.18 -3.10
N CYS A 39 3.04 1.53 -3.18
CA CYS A 39 2.31 1.48 -4.44
C CYS A 39 2.57 2.74 -5.27
N GLN A 40 3.06 2.54 -6.49
CA GLN A 40 3.36 3.65 -7.37
C GLN A 40 2.08 4.36 -7.82
N GLU A 41 1.11 3.58 -8.26
CA GLU A 41 -0.17 4.13 -8.71
C GLU A 41 -0.76 5.05 -7.66
N CYS A 42 -0.57 4.70 -6.39
CA CYS A 42 -1.09 5.51 -5.28
C CYS A 42 -0.13 6.65 -4.95
N THR A 43 1.16 6.34 -4.91
CA THR A 43 2.18 7.33 -4.59
C THR A 43 2.12 8.51 -5.57
N ILE A 44 1.74 8.22 -6.81
CA ILE A 44 1.64 9.25 -7.83
C ILE A 44 0.32 10.02 -7.72
N LEU A 45 -0.79 9.30 -7.85
CA LEU A 45 -2.11 9.92 -7.74
C LEU A 45 -2.26 10.69 -6.43
N LYS A 46 -2.02 10.01 -5.33
CA LYS A 46 -2.12 10.62 -4.01
C LYS A 46 -0.97 11.60 -3.78
N ALA A 47 0.16 11.36 -4.46
CA ALA A 47 1.32 12.22 -4.32
C ALA A 47 1.93 12.12 -2.92
N GLU A 48 1.88 10.92 -2.36
CA GLU A 48 2.42 10.68 -1.02
C GLU A 48 2.95 9.26 -0.88
N VAL A 49 4.17 9.13 -0.38
CA VAL A 49 4.79 7.82 -0.20
C VAL A 49 3.96 6.95 0.74
N VAL A 50 3.40 5.88 0.19
CA VAL A 50 2.59 4.96 0.97
C VAL A 50 3.39 3.73 1.40
N GLY A 51 3.15 3.27 2.62
CA GLY A 51 3.86 2.11 3.13
C GLY A 51 3.00 0.87 3.17
N LEU A 52 3.41 -0.16 2.44
CA LEU A 52 2.66 -1.40 2.39
C LEU A 52 3.50 -2.57 2.90
N CYS A 53 2.87 -3.73 3.06
CA CYS A 53 3.57 -4.92 3.55
C CYS A 53 3.43 -6.07 2.55
N HIS A 54 4.50 -6.85 2.41
CA HIS A 54 4.50 -7.99 1.51
C HIS A 54 3.33 -8.92 1.78
N GLU A 55 2.83 -8.87 3.01
CA GLU A 55 1.71 -9.72 3.42
C GLU A 55 0.45 -9.37 2.62
N LYS A 56 0.49 -8.22 1.94
CA LYS A 56 -0.64 -7.78 1.14
C LYS A 56 -1.17 -8.91 0.27
N ASP A 57 -0.28 -9.81 -0.14
CA ASP A 57 -0.66 -10.94 -0.97
C ASP A 57 -1.88 -11.66 -0.41
N THR A 58 -1.97 -11.70 0.92
CA THR A 58 -3.09 -12.36 1.59
C THR A 58 -3.21 -11.90 3.04
N ILE A 59 -3.75 -10.70 3.23
CA ILE A 59 -3.93 -10.14 4.56
C ILE A 59 -4.95 -9.01 4.56
N LYS A 60 -5.52 -8.73 5.72
CA LYS A 60 -6.51 -7.67 5.85
C LYS A 60 -5.93 -6.32 5.44
N CYS A 61 -4.62 -6.17 5.65
CA CYS A 61 -3.93 -4.93 5.30
C CYS A 61 -4.27 -4.50 3.87
N GLN A 62 -4.26 -5.46 2.95
CA GLN A 62 -4.57 -5.18 1.56
C GLN A 62 -5.88 -4.42 1.43
N ARG A 63 -6.81 -4.71 2.34
CA ARG A 63 -8.12 -4.05 2.32
C ARG A 63 -7.96 -2.54 2.47
N PHE A 64 -7.01 -2.13 3.28
CA PHE A 64 -6.75 -0.71 3.50
C PHE A 64 -6.28 -0.02 2.23
N HIS A 65 -5.43 -0.72 1.47
CA HIS A 65 -4.89 -0.18 0.23
C HIS A 65 -6.02 0.32 -0.68
N GLU A 66 -7.06 -0.49 -0.81
CA GLU A 66 -8.19 -0.13 -1.65
C GLU A 66 -9.12 0.83 -0.92
N PHE A 67 -9.27 0.63 0.39
CA PHE A 67 -10.12 1.48 1.21
C PHE A 67 -9.32 2.61 1.85
N MET A 68 -8.38 3.17 1.08
CA MET A 68 -7.55 4.25 1.58
C MET A 68 -8.11 5.61 1.15
N ASP A 69 -9.43 5.66 0.93
CA ASP A 69 -10.07 6.89 0.52
C ASP A 69 -9.86 8.00 1.55
N PHE A 70 -9.90 7.62 2.83
CA PHE A 70 -9.72 8.58 3.91
C PHE A 70 -8.50 8.23 4.75
N GLU A 71 -7.38 8.87 4.46
CA GLU A 71 -6.14 8.62 5.19
C GLU A 71 -5.08 9.68 4.85
N LEU A 72 -4.63 10.40 5.87
CA LEU A 72 -3.62 11.43 5.68
C LEU A 72 -2.25 10.94 6.11
N ASP A 73 -2.02 10.89 7.42
CA ASP A 73 -0.75 10.43 7.97
C ASP A 73 -0.84 10.23 9.47
N LYS A 74 -0.76 8.98 9.90
CA LYS A 74 -0.83 8.66 11.33
C LYS A 74 0.48 8.06 11.82
N ASN A 75 0.77 6.84 11.38
CA ASN A 75 1.99 6.16 11.77
C ASN A 75 3.22 6.94 11.33
N LYS A 76 4.03 7.37 12.29
CA LYS A 76 5.23 8.14 11.99
C LYS A 76 6.30 7.90 13.06
N GLU A 77 7.32 7.11 12.70
CA GLU A 77 8.40 6.81 13.62
C GLU A 77 9.76 7.10 12.99
N VAL A 78 10.82 6.78 13.71
CA VAL A 78 12.18 7.01 13.22
C VAL A 78 12.72 5.79 12.48
N ILE A 79 13.44 6.03 11.39
CA ILE A 79 14.01 4.95 10.60
C ILE A 79 15.49 4.75 10.92
N ASP A 80 16.05 3.66 10.43
CA ASP A 80 17.46 3.35 10.67
C ASP A 80 18.11 2.81 9.40
N LYS A 81 19.44 2.76 9.41
CA LYS A 81 20.20 2.27 8.25
C LYS A 81 21.21 1.20 8.68
N ARG A 82 20.81 0.38 9.64
CA ARG A 82 21.68 -0.69 10.13
C ARG A 82 22.13 -1.59 8.98
N LYS A 83 23.43 -1.84 8.92
CA LYS A 83 23.99 -2.70 7.88
C LYS A 83 24.06 -4.15 8.34
N GLY A 84 24.35 -5.05 7.41
CA GLY A 84 24.43 -6.46 7.75
C GLY A 84 25.65 -6.79 8.58
N GLY A 1 -12.46 39.87 -28.93
CA GLY A 1 -11.04 39.67 -28.66
C GLY A 1 -10.49 38.44 -29.37
N PRO A 2 -9.28 38.04 -28.99
CA PRO A 2 -8.61 36.87 -29.58
C PRO A 2 -9.27 35.56 -29.17
N LEU A 3 -9.00 34.51 -29.94
CA LEU A 3 -9.58 33.20 -29.66
C LEU A 3 -8.61 32.35 -28.84
N GLY A 4 -9.08 31.86 -27.70
CA GLY A 4 -8.25 31.03 -26.84
C GLY A 4 -8.09 29.63 -27.38
N SER A 5 -7.54 28.74 -26.55
CA SER A 5 -7.32 27.35 -26.96
C SER A 5 -7.92 26.40 -25.93
N PRO A 6 -8.16 25.14 -26.36
CA PRO A 6 -8.72 24.11 -25.49
C PRO A 6 -7.76 23.66 -24.41
N GLU A 7 -8.16 22.65 -23.65
CA GLU A 7 -7.32 22.12 -22.57
C GLU A 7 -6.99 20.65 -22.80
N PHE A 8 -6.25 20.07 -21.86
CA PHE A 8 -5.87 18.66 -21.96
C PHE A 8 -6.71 17.80 -21.01
N SER A 9 -6.76 16.50 -21.30
CA SER A 9 -7.53 15.58 -20.48
C SER A 9 -6.64 14.44 -19.98
N TYR A 10 -7.03 13.85 -18.85
CA TYR A 10 -6.27 12.76 -18.25
C TYR A 10 -6.88 11.41 -18.63
N PHE A 11 -6.16 10.34 -18.31
CA PHE A 11 -6.63 8.99 -18.61
C PHE A 11 -6.63 8.11 -17.36
N ALA A 12 -7.76 7.49 -17.07
CA ALA A 12 -7.88 6.63 -15.90
C ALA A 12 -7.38 5.22 -16.20
N LYS A 13 -6.23 4.88 -15.64
CA LYS A 13 -5.64 3.55 -15.85
C LYS A 13 -6.65 2.45 -15.55
N ILE A 14 -6.67 1.42 -16.39
CA ILE A 14 -7.59 0.30 -16.21
C ILE A 14 -6.90 -0.86 -15.52
N GLN A 15 -5.58 -0.82 -15.47
CA GLN A 15 -4.81 -1.88 -14.84
C GLN A 15 -4.88 -1.77 -13.32
N PRO A 16 -4.56 -2.87 -12.63
CA PRO A 16 -4.59 -2.93 -11.17
C PRO A 16 -3.48 -2.11 -10.54
N HIS A 17 -3.41 -2.12 -9.21
CA HIS A 17 -2.38 -1.37 -8.50
C HIS A 17 -1.02 -2.02 -8.74
N THR A 18 0.02 -1.18 -8.66
CA THR A 18 1.39 -1.64 -8.87
C THR A 18 2.21 -1.50 -7.58
N PHE A 19 2.53 -2.63 -6.97
CA PHE A 19 3.32 -2.64 -5.75
C PHE A 19 4.80 -2.81 -6.05
N ILE A 20 5.61 -1.89 -5.54
CA ILE A 20 7.05 -1.94 -5.74
C ILE A 20 7.81 -1.82 -4.42
N GLU A 21 9.01 -2.38 -4.39
CA GLU A 21 9.84 -2.34 -3.18
C GLU A 21 10.66 -1.06 -3.13
N GLY A 22 10.37 -0.22 -2.14
CA GLY A 22 11.10 1.04 -2.00
C GLY A 22 12.39 0.87 -1.24
N GLU A 23 12.67 1.80 -0.33
CA GLU A 23 13.89 1.75 0.46
C GLU A 23 13.58 1.89 1.95
N GLU A 24 12.85 2.94 2.31
CA GLU A 24 12.49 3.19 3.70
C GLU A 24 11.82 1.96 4.31
N ILE A 25 12.45 1.42 5.36
CA ILE A 25 11.92 0.24 6.04
C ILE A 25 10.78 0.62 6.98
N VAL A 26 9.56 0.26 6.60
CA VAL A 26 8.38 0.56 7.40
C VAL A 26 7.87 -0.70 8.10
N LYS A 27 7.38 -0.53 9.33
CA LYS A 27 6.86 -1.64 10.11
C LYS A 27 5.33 -1.61 10.16
N CYS A 28 4.71 -2.60 9.54
CA CYS A 28 3.25 -2.69 9.52
C CYS A 28 2.68 -2.62 10.93
N SER A 29 1.45 -2.10 11.04
CA SER A 29 0.79 -1.97 12.33
C SER A 29 0.19 -3.29 12.77
N GLU A 30 -0.18 -4.12 11.79
CA GLU A 30 -0.77 -5.43 12.08
C GLU A 30 0.29 -6.53 12.05
N CYS A 31 1.05 -6.58 10.96
CA CYS A 31 2.09 -7.58 10.82
C CYS A 31 3.27 -7.28 11.74
N GLY A 32 3.58 -5.99 11.91
CA GLY A 32 4.68 -5.60 12.76
C GLY A 32 5.99 -6.23 12.35
N ASN A 33 6.29 -6.18 11.06
CA ASN A 33 7.53 -6.75 10.55
C ASN A 33 8.23 -5.77 9.61
N GLU A 34 9.55 -5.87 9.55
CA GLU A 34 10.35 -4.99 8.70
C GLU A 34 10.04 -5.23 7.22
N THR A 35 9.51 -4.20 6.57
CA THR A 35 9.16 -4.29 5.16
C THR A 35 9.17 -2.91 4.50
N LYS A 36 9.61 -2.87 3.25
CA LYS A 36 9.66 -1.62 2.50
C LYS A 36 8.93 -1.74 1.17
N VAL A 37 7.63 -1.47 1.19
CA VAL A 37 6.81 -1.55 -0.01
C VAL A 37 6.05 -0.25 -0.25
N PHE A 38 5.87 0.09 -1.53
CA PHE A 38 5.16 1.31 -1.89
C PHE A 38 4.45 1.16 -3.24
N CYS A 39 3.20 1.58 -3.29
CA CYS A 39 2.41 1.49 -4.52
C CYS A 39 2.67 2.68 -5.43
N GLN A 40 3.13 2.40 -6.64
CA GLN A 40 3.42 3.46 -7.61
C GLN A 40 2.13 4.16 -8.06
N GLU A 41 1.14 3.36 -8.43
CA GLU A 41 -0.14 3.90 -8.88
C GLU A 41 -0.70 4.90 -7.87
N CYS A 42 -0.46 4.63 -6.59
CA CYS A 42 -0.94 5.51 -5.53
C CYS A 42 0.04 6.65 -5.29
N THR A 43 1.32 6.31 -5.14
CA THR A 43 2.36 7.31 -4.91
C THR A 43 2.27 8.43 -5.93
N ILE A 44 1.84 8.10 -7.14
CA ILE A 44 1.72 9.09 -8.20
C ILE A 44 0.47 9.94 -8.02
N LEU A 45 -0.69 9.29 -8.10
CA LEU A 45 -1.97 9.98 -7.94
C LEU A 45 -1.99 10.82 -6.67
N LYS A 46 -1.69 10.18 -5.54
CA LYS A 46 -1.67 10.86 -4.26
C LYS A 46 -0.45 11.78 -4.15
N ALA A 47 0.60 11.46 -4.89
CA ALA A 47 1.81 12.26 -4.89
C ALA A 47 2.51 12.19 -3.53
N GLU A 48 2.41 11.04 -2.89
CA GLU A 48 3.02 10.84 -1.58
C GLU A 48 3.51 9.41 -1.41
N VAL A 49 4.67 9.24 -0.79
CA VAL A 49 5.24 7.91 -0.57
C VAL A 49 4.39 7.11 0.41
N VAL A 50 3.82 6.01 -0.08
CA VAL A 50 2.97 5.16 0.75
C VAL A 50 3.74 3.92 1.20
N GLY A 51 3.42 3.43 2.39
CA GLY A 51 4.08 2.25 2.92
C GLY A 51 3.14 1.07 3.06
N LEU A 52 3.57 -0.10 2.63
CA LEU A 52 2.76 -1.31 2.71
C LEU A 52 3.61 -2.51 3.09
N CYS A 53 2.94 -3.63 3.37
CA CYS A 53 3.64 -4.86 3.73
C CYS A 53 3.51 -5.91 2.65
N HIS A 54 4.56 -6.71 2.47
CA HIS A 54 4.56 -7.76 1.46
C HIS A 54 3.37 -8.70 1.65
N GLU A 55 2.95 -8.87 2.90
CA GLU A 55 1.84 -9.75 3.22
C GLU A 55 0.55 -9.23 2.57
N LYS A 56 0.56 -7.96 2.17
CA LYS A 56 -0.60 -7.34 1.53
C LYS A 56 -1.20 -8.27 0.48
N ASP A 57 -0.34 -9.03 -0.19
CA ASP A 57 -0.79 -9.95 -1.22
C ASP A 57 -1.96 -10.80 -0.73
N THR A 58 -1.87 -11.25 0.51
CA THR A 58 -2.91 -12.07 1.12
C THR A 58 -3.06 -11.78 2.60
N ILE A 59 -3.76 -10.71 2.93
CA ILE A 59 -3.97 -10.32 4.32
C ILE A 59 -4.93 -9.15 4.43
N LYS A 60 -5.54 -9.00 5.61
CA LYS A 60 -6.48 -7.91 5.84
C LYS A 60 -5.88 -6.57 5.45
N CYS A 61 -4.58 -6.42 5.67
CA CYS A 61 -3.88 -5.19 5.33
C CYS A 61 -4.22 -4.74 3.92
N GLN A 62 -4.44 -5.70 3.04
CA GLN A 62 -4.77 -5.41 1.65
C GLN A 62 -5.92 -4.41 1.56
N ARG A 63 -6.90 -4.57 2.45
CA ARG A 63 -8.05 -3.69 2.47
C ARG A 63 -7.65 -2.26 2.81
N PHE A 64 -6.64 -2.13 3.67
CA PHE A 64 -6.14 -0.81 4.08
C PHE A 64 -5.87 0.06 2.86
N HIS A 65 -5.41 -0.56 1.78
CA HIS A 65 -5.10 0.17 0.56
C HIS A 65 -6.27 1.05 0.14
N GLU A 66 -7.48 0.57 0.38
CA GLU A 66 -8.69 1.30 0.02
C GLU A 66 -9.07 2.29 1.14
N PHE A 67 -8.84 1.88 2.37
CA PHE A 67 -9.15 2.72 3.53
C PHE A 67 -7.93 3.52 3.97
N MET A 68 -7.18 4.02 2.99
CA MET A 68 -5.99 4.81 3.26
C MET A 68 -6.31 5.93 4.25
N ASP A 69 -7.53 6.43 4.19
CA ASP A 69 -7.95 7.51 5.08
C ASP A 69 -7.65 7.18 6.53
N PHE A 70 -7.56 8.21 7.37
CA PHE A 70 -7.27 8.03 8.78
C PHE A 70 -8.54 8.20 9.63
N GLU A 71 -9.66 7.76 9.09
CA GLU A 71 -10.93 7.87 9.79
C GLU A 71 -10.88 7.14 11.13
N LEU A 72 -10.66 7.90 12.20
CA LEU A 72 -10.58 7.33 13.54
C LEU A 72 -11.96 7.24 14.17
N ASP A 73 -12.03 6.65 15.36
CA ASP A 73 -13.29 6.50 16.07
C ASP A 73 -13.15 6.91 17.53
N LYS A 74 -13.50 8.15 17.84
CA LYS A 74 -13.41 8.66 19.20
C LYS A 74 -12.02 8.40 19.79
N ASN A 75 -10.99 8.69 19.00
CA ASN A 75 -9.62 8.48 19.45
C ASN A 75 -8.77 9.72 19.17
N LYS A 76 -7.87 10.03 20.10
CA LYS A 76 -7.00 11.19 19.96
C LYS A 76 -5.54 10.76 19.81
N GLU A 77 -5.32 9.70 19.04
CA GLU A 77 -3.97 9.19 18.83
C GLU A 77 -3.04 10.29 18.32
N VAL A 78 -1.74 10.04 18.39
CA VAL A 78 -0.75 11.02 17.94
C VAL A 78 -0.36 10.76 16.50
N ILE A 79 -0.34 11.83 15.70
CA ILE A 79 0.02 11.72 14.29
C ILE A 79 1.35 12.40 14.01
N ASP A 80 1.90 12.18 12.82
CA ASP A 80 3.16 12.78 12.43
C ASP A 80 3.12 13.24 10.98
N LYS A 81 3.78 14.37 10.70
CA LYS A 81 3.81 14.91 9.35
C LYS A 81 5.22 14.85 8.78
N ARG A 82 5.33 15.02 7.46
CA ARG A 82 6.62 14.98 6.79
C ARG A 82 7.24 16.38 6.72
N LYS A 83 8.45 16.46 6.16
CA LYS A 83 9.15 17.73 6.03
C LYS A 83 8.80 18.42 4.71
N GLY A 84 7.73 19.20 4.73
CA GLY A 84 7.32 19.91 3.53
C GLY A 84 5.84 19.70 3.22
N GLY A 1 -20.28 -46.97 -14.86
CA GLY A 1 -20.68 -45.70 -14.30
C GLY A 1 -19.86 -44.54 -14.85
N PRO A 2 -20.11 -44.17 -16.11
CA PRO A 2 -19.39 -43.07 -16.77
C PRO A 2 -19.75 -41.70 -16.19
N LEU A 3 -18.78 -40.80 -16.17
CA LEU A 3 -19.00 -39.46 -15.64
C LEU A 3 -18.39 -38.41 -16.56
N GLY A 4 -18.88 -37.18 -16.46
CA GLY A 4 -18.38 -36.10 -17.29
C GLY A 4 -18.17 -34.83 -16.50
N SER A 5 -17.07 -34.75 -15.77
CA SER A 5 -16.76 -33.57 -14.97
C SER A 5 -15.39 -33.01 -15.33
N PRO A 6 -15.31 -32.37 -16.51
CA PRO A 6 -14.07 -31.78 -17.01
C PRO A 6 -13.66 -30.55 -16.21
N GLU A 7 -12.44 -30.07 -16.45
CA GLU A 7 -11.93 -28.89 -15.76
C GLU A 7 -11.18 -27.97 -16.72
N PHE A 8 -11.18 -26.67 -16.41
CA PHE A 8 -10.50 -25.69 -17.25
C PHE A 8 -10.04 -24.50 -16.42
N SER A 9 -8.74 -24.22 -16.46
CA SER A 9 -8.18 -23.11 -15.71
C SER A 9 -7.45 -22.14 -16.64
N TYR A 10 -7.51 -20.86 -16.31
CA TYR A 10 -6.86 -19.83 -17.12
C TYR A 10 -6.94 -18.48 -16.43
N PHE A 11 -5.78 -17.90 -16.13
CA PHE A 11 -5.71 -16.60 -15.48
C PHE A 11 -5.37 -15.50 -16.48
N ALA A 12 -6.28 -14.54 -16.63
CA ALA A 12 -6.08 -13.43 -17.55
C ALA A 12 -6.63 -12.14 -16.98
N LYS A 13 -6.02 -11.67 -15.90
CA LYS A 13 -6.44 -10.44 -15.24
C LYS A 13 -5.27 -9.76 -14.55
N ILE A 14 -5.44 -8.47 -14.24
CA ILE A 14 -4.38 -7.71 -13.57
C ILE A 14 -4.96 -6.85 -12.45
N GLN A 15 -4.27 -6.82 -11.32
CA GLN A 15 -4.71 -6.04 -10.17
C GLN A 15 -4.84 -4.56 -10.53
N PRO A 16 -5.69 -3.84 -9.80
CA PRO A 16 -5.93 -2.41 -10.02
C PRO A 16 -4.72 -1.56 -9.63
N HIS A 17 -4.20 -1.78 -8.43
CA HIS A 17 -3.06 -1.04 -7.96
C HIS A 17 -1.80 -1.90 -8.05
N THR A 18 -0.68 -1.25 -8.35
CA THR A 18 0.59 -1.93 -8.48
C THR A 18 1.44 -1.75 -7.23
N PHE A 19 1.97 -2.85 -6.72
CA PHE A 19 2.81 -2.82 -5.52
C PHE A 19 4.27 -3.04 -5.86
N ILE A 20 5.12 -2.08 -5.48
CA ILE A 20 6.55 -2.17 -5.76
C ILE A 20 7.36 -2.07 -4.47
N GLU A 21 8.54 -2.68 -4.46
CA GLU A 21 9.41 -2.66 -3.29
C GLU A 21 10.39 -1.50 -3.38
N GLY A 22 10.26 -0.54 -2.46
CA GLY A 22 11.14 0.61 -2.46
C GLY A 22 12.35 0.42 -1.55
N GLU A 23 12.61 1.39 -0.70
CA GLU A 23 13.73 1.32 0.23
C GLU A 23 13.28 1.63 1.65
N GLU A 24 12.48 2.69 1.80
CA GLU A 24 11.98 3.09 3.11
C GLU A 24 11.34 1.91 3.84
N ILE A 25 11.94 1.53 4.96
CA ILE A 25 11.43 0.41 5.76
C ILE A 25 10.31 0.86 6.69
N VAL A 26 9.09 0.48 6.36
CA VAL A 26 7.93 0.84 7.17
C VAL A 26 7.50 -0.32 8.08
N LYS A 27 6.71 0.00 9.10
CA LYS A 27 6.24 -1.01 10.04
C LYS A 27 4.73 -1.15 9.97
N CYS A 28 4.26 -2.37 9.68
CA CYS A 28 2.83 -2.63 9.59
C CYS A 28 2.15 -2.38 10.93
N SER A 29 0.87 -2.02 10.88
CA SER A 29 0.09 -1.75 12.09
C SER A 29 -0.35 -3.05 12.74
N GLU A 30 -0.48 -4.10 11.94
CA GLU A 30 -0.89 -5.41 12.45
C GLU A 30 0.30 -6.34 12.60
N CYS A 31 1.08 -6.48 11.53
CA CYS A 31 2.26 -7.33 11.56
C CYS A 31 3.36 -6.72 12.41
N GLY A 32 3.45 -5.40 12.41
CA GLY A 32 4.47 -4.72 13.19
C GLY A 32 5.86 -5.23 12.90
N ASN A 33 6.09 -5.61 11.65
CA ASN A 33 7.40 -6.12 11.24
C ASN A 33 8.13 -5.09 10.36
N GLU A 34 9.22 -5.53 9.74
CA GLU A 34 10.01 -4.66 8.88
C GLU A 34 9.76 -4.97 7.41
N THR A 35 9.25 -3.99 6.68
CA THR A 35 8.96 -4.16 5.26
C THR A 35 8.98 -2.83 4.53
N LYS A 36 9.58 -2.82 3.34
CA LYS A 36 9.66 -1.60 2.53
C LYS A 36 8.88 -1.75 1.24
N VAL A 37 7.58 -1.43 1.29
CA VAL A 37 6.72 -1.53 0.12
C VAL A 37 6.01 -0.21 -0.14
N PHE A 38 5.93 0.16 -1.42
CA PHE A 38 5.27 1.41 -1.82
C PHE A 38 4.43 1.20 -3.07
N CYS A 39 3.20 1.72 -3.04
CA CYS A 39 2.29 1.60 -4.18
C CYS A 39 2.57 2.67 -5.22
N GLN A 40 3.01 2.24 -6.41
CA GLN A 40 3.31 3.18 -7.48
C GLN A 40 2.10 4.05 -7.81
N GLU A 41 0.98 3.41 -8.08
CA GLU A 41 -0.26 4.13 -8.41
C GLU A 41 -0.51 5.25 -7.41
N CYS A 42 -0.62 4.88 -6.13
CA CYS A 42 -0.87 5.84 -5.07
C CYS A 42 0.24 6.90 -5.02
N THR A 43 1.48 6.44 -5.10
CA THR A 43 2.63 7.34 -5.07
C THR A 43 2.47 8.47 -6.08
N ILE A 44 1.82 8.18 -7.18
CA ILE A 44 1.59 9.19 -8.22
C ILE A 44 0.49 10.15 -7.82
N LEU A 45 -0.66 9.60 -7.45
CA LEU A 45 -1.81 10.41 -7.04
C LEU A 45 -1.45 11.29 -5.85
N LYS A 46 -0.99 10.65 -4.77
CA LYS A 46 -0.60 11.37 -3.56
C LYS A 46 0.68 12.15 -3.78
N ALA A 47 1.49 11.70 -4.73
CA ALA A 47 2.75 12.36 -5.04
C ALA A 47 3.75 12.22 -3.89
N GLU A 48 3.70 11.07 -3.21
CA GLU A 48 4.59 10.80 -2.10
C GLU A 48 4.73 9.30 -1.85
N VAL A 49 5.92 8.90 -1.39
CA VAL A 49 6.18 7.49 -1.12
C VAL A 49 5.32 6.97 0.02
N VAL A 50 4.44 6.03 -0.29
CA VAL A 50 3.55 5.45 0.71
C VAL A 50 4.07 4.10 1.18
N GLY A 51 3.64 3.70 2.38
CA GLY A 51 4.07 2.43 2.94
C GLY A 51 2.95 1.42 3.02
N LEU A 52 3.23 0.18 2.61
CA LEU A 52 2.23 -0.88 2.64
C LEU A 52 2.85 -2.20 3.07
N CYS A 53 2.01 -3.21 3.29
CA CYS A 53 2.47 -4.53 3.71
C CYS A 53 2.86 -5.37 2.49
N HIS A 54 4.08 -5.91 2.51
CA HIS A 54 4.56 -6.73 1.42
C HIS A 54 3.71 -7.99 1.27
N GLU A 55 2.94 -8.31 2.30
CA GLU A 55 2.07 -9.48 2.29
C GLU A 55 0.76 -9.18 1.56
N LYS A 56 0.64 -7.96 1.06
CA LYS A 56 -0.56 -7.54 0.34
C LYS A 56 -0.99 -8.60 -0.66
N ASP A 57 -0.02 -9.34 -1.19
CA ASP A 57 -0.29 -10.39 -2.17
C ASP A 57 -1.40 -11.31 -1.67
N THR A 58 -1.35 -11.64 -0.38
CA THR A 58 -2.35 -12.52 0.21
C THR A 58 -2.46 -12.28 1.72
N ILE A 59 -2.92 -11.09 2.09
CA ILE A 59 -3.07 -10.74 3.50
C ILE A 59 -4.17 -9.71 3.69
N LYS A 60 -4.79 -9.72 4.86
CA LYS A 60 -5.87 -8.78 5.18
C LYS A 60 -5.36 -7.35 5.13
N CYS A 61 -4.08 -7.16 5.41
CA CYS A 61 -3.47 -5.83 5.39
C CYS A 61 -3.77 -5.12 4.08
N GLN A 62 -3.85 -5.89 2.99
CA GLN A 62 -4.14 -5.31 1.68
C GLN A 62 -5.46 -4.57 1.68
N ARG A 63 -6.43 -5.09 2.44
CA ARG A 63 -7.74 -4.47 2.54
C ARG A 63 -7.63 -3.00 2.94
N PHE A 64 -6.76 -2.72 3.90
CA PHE A 64 -6.55 -1.36 4.38
C PHE A 64 -6.29 -0.42 3.21
N HIS A 65 -5.39 -0.82 2.32
CA HIS A 65 -5.04 -0.01 1.16
C HIS A 65 -6.30 0.40 0.39
N GLU A 66 -7.15 -0.57 0.12
CA GLU A 66 -8.39 -0.32 -0.61
C GLU A 66 -9.25 0.72 0.10
N PHE A 67 -9.23 0.67 1.44
CA PHE A 67 -10.01 1.60 2.24
C PHE A 67 -9.10 2.63 2.91
N MET A 68 -8.09 3.08 2.18
CA MET A 68 -7.14 4.06 2.69
C MET A 68 -7.75 5.46 2.66
N ASP A 69 -8.52 5.75 1.62
CA ASP A 69 -9.16 7.05 1.47
C ASP A 69 -9.97 7.40 2.71
N PHE A 70 -10.84 6.49 3.12
CA PHE A 70 -11.68 6.70 4.30
C PHE A 70 -10.86 6.57 5.58
N GLU A 71 -10.12 7.62 5.91
CA GLU A 71 -9.29 7.63 7.11
C GLU A 71 -10.15 7.59 8.37
N LEU A 72 -9.58 7.08 9.46
CA LEU A 72 -10.30 6.99 10.73
C LEU A 72 -9.44 7.51 11.87
N ASP A 73 -8.18 7.12 11.89
CA ASP A 73 -7.26 7.55 12.94
C ASP A 73 -7.86 7.35 14.32
N LYS A 74 -7.96 6.09 14.73
CA LYS A 74 -8.53 5.75 16.03
C LYS A 74 -7.44 5.32 17.00
N ASN A 75 -6.82 6.28 17.67
CA ASN A 75 -5.75 5.99 18.63
C ASN A 75 -6.06 6.63 19.98
N LYS A 76 -5.12 6.49 20.91
CA LYS A 76 -5.29 7.04 22.26
C LYS A 76 -6.51 6.44 22.94
N GLU A 77 -6.56 5.12 23.02
CA GLU A 77 -7.68 4.44 23.65
C GLU A 77 -7.84 4.88 25.11
N VAL A 78 -8.81 4.29 25.79
CA VAL A 78 -9.07 4.62 27.18
C VAL A 78 -8.19 3.79 28.12
N ILE A 79 -7.43 4.47 28.97
CA ILE A 79 -6.55 3.79 29.92
C ILE A 79 -7.34 2.89 30.85
N ASP A 80 -6.67 1.89 31.41
CA ASP A 80 -7.31 0.96 32.33
C ASP A 80 -7.26 1.48 33.76
N LYS A 81 -8.43 1.70 34.35
CA LYS A 81 -8.52 2.20 35.71
C LYS A 81 -7.88 1.22 36.70
N ARG A 82 -7.55 1.72 37.88
CA ARG A 82 -6.93 0.89 38.91
C ARG A 82 -7.98 0.01 39.60
N LYS A 83 -8.10 -1.23 39.14
CA LYS A 83 -9.05 -2.17 39.72
C LYS A 83 -8.71 -2.48 41.17
N GLY A 84 -9.64 -2.14 42.07
CA GLY A 84 -9.41 -2.39 43.49
C GLY A 84 -10.60 -1.98 44.33
#